data_3B0V
#
_entry.id   3B0V
#
_cell.length_a   118.890
_cell.length_b   118.890
_cell.length_c   319.550
_cell.angle_alpha   90.000
_cell.angle_beta   90.000
_cell.angle_gamma   90.000
#
_symmetry.space_group_name_H-M   'P 41 21 2'
#
loop_
_entity.id
_entity.type
_entity.pdbx_description
1 polymer tRNA
2 polymer 'tRNA-dihydrouridine synthase'
3 non-polymer 'FLAVIN MONONUCLEOTIDE'
#
loop_
_entity_poly.entity_id
_entity_poly.type
_entity_poly.pdbx_seq_one_letter_code
_entity_poly.pdbx_strand_id
1 'polyribonucleotide' GCCGAGGUAGCUCAGUUGG(H2U)AGAGCAUGCGACUGAAAAUCGCAGUGUCGGCGGUUCGAUUCCGCCCCUCGGCACCA A,B
2 'polypeptide(L)'
;(MSE)GSSHHHHHHSQDPLVPRGSH(MSE)LDPRLSVAP(MSE)VDRTDRHFRFLVRQVSLGVRLYTE(MSE)TVDQAVL
RGNRERLLAFRPEEHPIALQLAGSDPKSLAEAARIGEAFGYDEINLNLGCPSEKAQEGGYGACLLLDLARVREILKA
(MSE)GEAVRVPVTVK(MSE)RLGLEGKETYRGLAQSVEA(MSE)AEAGVKVFVVHARSALLALSTKANREIPPLRHDWV
HRLKGDFPQLTFVTNGGIRSLEEALFHLKRVDGV(MSE)LGRAVYEDPFVLEEADRRVFGLPRRPSRLEVARR(MSE)RA
YLEEEVLKGTPPWAVLRH(MSE)LNLFRGRPKGRLWRRLLSEGRSLQALDRALRL(MSE)EEEVGEEGEKEKPGPRGQRE
AAPGPAREGV
;
C,D
#
loop_
_chem_comp.id
_chem_comp.type
_chem_comp.name
_chem_comp.formula
A RNA linking ADENOSINE-5'-MONOPHOSPHATE 'C10 H14 N5 O7 P'
C RNA linking CYTIDINE-5'-MONOPHOSPHATE 'C9 H14 N3 O8 P'
FMN non-polymer 'FLAVIN MONONUCLEOTIDE' 'C17 H21 N4 O9 P'
G RNA linking GUANOSINE-5'-MONOPHOSPHATE 'C10 H14 N5 O8 P'
H2U RNA linking 5,6-DIHYDROURIDINE-5'-MONOPHOSPHATE 'C9 H15 N2 O9 P'
U RNA linking URIDINE-5'-MONOPHOSPHATE 'C9 H13 N2 O9 P'
#
# COMPACT_ATOMS: atom_id res chain seq x y z
P H2U A 20 22.02 -21.28 11.41
OP1 H2U A 20 21.04 -20.18 11.44
OP2 H2U A 20 22.37 -22.04 12.78
O5' H2U A 20 23.36 -20.78 10.72
C5' H2U A 20 23.39 -19.59 9.95
C4' H2U A 20 24.36 -18.58 10.49
O4' H2U A 20 24.48 -17.48 9.57
C3' H2U A 20 23.99 -17.97 11.85
O3' H2U A 20 25.18 -17.70 12.61
C1' H2U A 20 24.01 -16.27 10.17
C2' H2U A 20 23.29 -16.67 11.47
O2' H2U A 20 23.38 -15.66 12.44
N1 H2U A 20 23.12 -15.61 9.20
C2 H2U A 20 23.45 -14.42 8.67
O2 H2U A 20 24.34 -13.77 9.18
N3 H2U A 20 22.81 -13.92 7.60
C4 H2U A 20 21.85 -14.60 6.96
O4 H2U A 20 21.33 -14.12 5.98
C5 H2U A 20 21.41 -15.97 7.43
C6 H2U A 20 21.85 -16.26 8.86
P H2U B 20 -21.78 21.29 -11.40
OP1 H2U B 20 -21.26 19.94 -11.09
OP2 H2U B 20 -23.36 21.46 -11.61
O5' H2U B 20 -21.00 21.89 -12.65
C5' H2U B 20 -19.72 21.39 -13.03
C4' H2U B 20 -19.71 20.93 -14.46
O4' H2U B 20 -18.34 20.63 -14.84
C3' H2U B 20 -20.51 19.66 -14.75
O3' H2U B 20 -21.07 19.72 -16.06
C1' H2U B 20 -18.18 19.26 -15.14
C2' H2U B 20 -19.46 18.55 -14.67
O2' H2U B 20 -19.75 17.42 -15.45
N1 H2U B 20 -16.96 18.79 -14.46
C2 H2U B 20 -15.89 18.39 -15.16
O2 H2U B 20 -16.01 18.18 -16.36
N3 H2U B 20 -14.69 18.22 -14.59
C4 H2U B 20 -14.48 18.49 -13.28
O4 H2U B 20 -13.37 18.37 -12.83
C5 H2U B 20 -15.60 18.98 -12.40
C6 H2U B 20 -16.98 18.72 -12.99
N MSE C 22 -1.24 -5.36 -1.95
CA MSE C 22 -0.54 -4.08 -1.63
C MSE C 22 0.02 -4.13 -0.22
O MSE C 22 -0.73 -4.16 0.76
CB MSE C 22 -1.48 -2.90 -1.77
CG MSE C 22 -0.80 -1.55 -1.62
SE MSE C 22 0.49 -1.21 -3.04
CE MSE C 22 1.41 0.31 -2.27
N LEU C 23 1.35 -4.12 -0.11
CA LEU C 23 2.01 -4.17 1.19
C LEU C 23 2.78 -2.87 1.44
N ASP C 24 2.95 -2.53 2.71
CA ASP C 24 3.67 -1.32 3.11
C ASP C 24 5.14 -1.64 3.37
N PRO C 25 6.02 -1.24 2.45
CA PRO C 25 7.45 -1.58 2.54
C PRO C 25 8.28 -0.50 3.24
N ARG C 26 7.63 0.59 3.63
CA ARG C 26 8.33 1.77 4.14
C ARG C 26 9.23 1.50 5.34
N LEU C 27 8.92 0.47 6.11
CA LEU C 27 9.68 0.18 7.32
C LEU C 27 9.46 -1.26 7.77
N SER C 28 10.52 -1.91 8.23
CA SER C 28 10.45 -3.29 8.65
C SER C 28 11.61 -3.68 9.57
N VAL C 29 11.40 -4.70 10.40
CA VAL C 29 12.45 -5.24 11.25
C VAL C 29 13.12 -6.42 10.56
N ALA C 30 14.41 -6.26 10.26
CA ALA C 30 15.17 -7.26 9.51
C ALA C 30 15.03 -8.65 10.10
N PRO C 31 15.06 -9.68 9.22
CA PRO C 31 15.07 -11.08 9.66
C PRO C 31 16.41 -11.43 10.31
N MSE C 32 16.35 -11.93 11.54
CA MSE C 32 17.57 -12.22 12.28
C MSE C 32 17.47 -13.56 13.00
O MSE C 32 16.71 -13.71 13.95
CB MSE C 32 17.84 -11.11 13.30
CG MSE C 32 18.19 -9.77 12.66
SE MSE C 32 18.28 -8.32 13.98
CE MSE C 32 16.38 -8.20 14.44
N VAL C 33 18.24 -14.54 12.53
CA VAL C 33 18.30 -15.86 13.14
C VAL C 33 18.53 -15.74 14.65
N ASP C 34 17.75 -16.49 15.42
CA ASP C 34 17.89 -16.53 16.87
C ASP C 34 17.53 -15.18 17.49
N ARG C 35 16.70 -14.41 16.80
CA ARG C 35 16.29 -13.10 17.27
C ARG C 35 14.80 -12.88 17.04
N THR C 36 14.40 -12.95 15.77
CA THR C 36 13.03 -12.62 15.37
C THR C 36 12.11 -13.83 15.37
N ASP C 37 12.08 -14.58 16.48
CA ASP C 37 11.11 -15.65 16.62
C ASP C 37 9.76 -15.01 16.95
N ARG C 38 8.70 -15.81 16.90
CA ARG C 38 7.34 -15.28 17.04
C ARG C 38 7.13 -14.49 18.33
N HIS C 39 8.02 -14.68 19.30
CA HIS C 39 7.91 -13.99 20.58
C HIS C 39 8.41 -12.54 20.48
N PHE C 40 9.60 -12.36 19.92
CA PHE C 40 10.17 -11.02 19.77
C PHE C 40 9.37 -10.21 18.76
N ARG C 41 8.83 -10.88 17.75
CA ARG C 41 8.02 -10.21 16.74
C ARG C 41 6.77 -9.62 17.35
N PHE C 42 6.14 -10.36 18.27
CA PHE C 42 4.98 -9.87 18.98
C PHE C 42 5.34 -8.66 19.82
N LEU C 43 6.53 -8.68 20.40
CA LEU C 43 7.02 -7.59 21.22
C LEU C 43 7.14 -6.31 20.38
N VAL C 44 7.78 -6.43 19.23
CA VAL C 44 7.97 -5.30 18.33
C VAL C 44 6.62 -4.77 17.85
N ARG C 45 5.63 -5.65 17.76
CA ARG C 45 4.31 -5.27 17.29
C ARG C 45 3.60 -4.40 18.30
N GLN C 46 3.98 -4.52 19.57
CA GLN C 46 3.43 -3.69 20.63
C GLN C 46 4.03 -2.29 20.57
N VAL C 47 5.23 -2.19 20.01
CA VAL C 47 5.91 -0.91 19.88
C VAL C 47 5.45 -0.16 18.62
N SER C 48 5.38 -0.89 17.52
CA SER C 48 4.98 -0.32 16.24
C SER C 48 3.94 -1.20 15.56
N LEU C 49 2.81 -0.60 15.20
CA LEU C 49 1.70 -1.33 14.59
C LEU C 49 1.97 -1.59 13.11
N GLY C 50 2.62 -0.64 12.46
CA GLY C 50 2.78 -0.67 11.01
C GLY C 50 4.03 -1.36 10.51
N VAL C 51 5.09 -1.36 11.32
CA VAL C 51 6.36 -1.93 10.91
C VAL C 51 6.19 -3.38 10.44
N ARG C 52 6.78 -3.69 9.30
CA ARG C 52 6.66 -5.01 8.70
C ARG C 52 7.65 -5.97 9.35
N LEU C 53 7.16 -7.13 9.76
CA LEU C 53 8.01 -8.11 10.46
C LEU C 53 8.45 -9.23 9.53
N TYR C 54 9.63 -9.78 9.81
CA TYR C 54 10.18 -10.88 9.03
C TYR C 54 10.59 -12.03 9.95
N THR C 55 10.28 -13.25 9.54
CA THR C 55 10.69 -14.44 10.28
C THR C 55 12.19 -14.63 10.14
N GLU C 56 12.74 -15.54 10.92
CA GLU C 56 14.15 -15.91 10.79
C GLU C 56 14.32 -16.67 9.49
N MSE C 57 15.55 -16.75 8.99
CA MSE C 57 15.80 -17.54 7.79
C MSE C 57 15.43 -18.99 8.05
O MSE C 57 15.98 -19.63 8.95
CB MSE C 57 17.28 -17.45 7.39
CG MSE C 57 17.57 -18.07 6.02
SE MSE C 57 19.44 -18.55 5.79
CE MSE C 57 19.54 -20.00 7.08
N THR C 58 14.49 -19.50 7.26
CA THR C 58 14.00 -20.87 7.45
C THR C 58 14.26 -21.70 6.20
N VAL C 59 15.18 -22.66 6.32
CA VAL C 59 15.55 -23.50 5.19
C VAL C 59 14.34 -24.28 4.69
N ASP C 60 14.29 -24.52 3.39
CA ASP C 60 13.15 -25.19 2.76
C ASP C 60 13.01 -26.63 3.23
N GLN C 61 14.14 -27.29 3.48
CA GLN C 61 14.14 -28.69 3.90
C GLN C 61 13.54 -28.84 5.29
N ALA C 62 13.68 -27.82 6.12
CA ALA C 62 13.13 -27.84 7.47
C ALA C 62 11.61 -27.67 7.42
N VAL C 63 11.13 -26.98 6.39
CA VAL C 63 9.71 -26.77 6.21
C VAL C 63 9.03 -28.01 5.62
N LEU C 64 9.79 -28.77 4.85
CA LEU C 64 9.22 -29.92 4.14
C LEU C 64 9.24 -31.20 4.98
N ARG C 65 10.24 -31.34 5.83
CA ARG C 65 10.43 -32.59 6.57
C ARG C 65 10.34 -32.42 8.09
N GLY C 66 10.48 -31.19 8.56
CA GLY C 66 10.45 -30.91 9.99
C GLY C 66 9.06 -30.64 10.52
N ASN C 67 8.96 -30.43 11.83
CA ASN C 67 7.69 -30.09 12.46
C ASN C 67 7.22 -28.73 11.96
N ARG C 68 6.20 -28.73 11.12
CA ARG C 68 5.76 -27.52 10.44
C ARG C 68 5.01 -26.55 11.34
N GLU C 69 4.37 -27.08 12.38
CA GLU C 69 3.63 -26.23 13.31
C GLU C 69 4.59 -25.43 14.18
N ARG C 70 5.69 -26.07 14.57
CA ARG C 70 6.69 -25.42 15.41
C ARG C 70 7.42 -24.31 14.64
N LEU C 71 7.70 -24.57 13.37
CA LEU C 71 8.47 -23.63 12.55
C LEU C 71 7.67 -22.38 12.15
N LEU C 72 6.49 -22.59 11.58
CA LEU C 72 5.80 -21.53 10.86
C LEU C 72 4.61 -20.92 11.59
N ALA C 73 4.04 -21.65 12.55
CA ALA C 73 2.87 -21.15 13.29
C ALA C 73 3.20 -19.85 14.02
N PHE C 74 2.38 -18.83 13.80
CA PHE C 74 2.58 -17.53 14.43
C PHE C 74 1.24 -16.91 14.83
N ARG C 75 1.30 -15.82 15.59
CA ARG C 75 0.10 -15.13 16.05
C ARG C 75 -0.41 -14.14 15.00
N PRO C 76 -1.74 -13.94 14.95
CA PRO C 76 -2.38 -13.04 13.99
C PRO C 76 -2.08 -11.56 14.24
N GLU C 77 -1.59 -11.24 15.43
CA GLU C 77 -1.22 -9.86 15.75
C GLU C 77 0.03 -9.45 15.00
N GLU C 78 0.83 -10.43 14.60
CA GLU C 78 2.11 -10.18 13.96
C GLU C 78 1.96 -9.75 12.51
N HIS C 79 0.73 -9.77 12.00
CA HIS C 79 0.44 -9.26 10.67
C HIS C 79 0.68 -7.75 10.64
N PRO C 80 1.34 -7.25 9.56
CA PRO C 80 1.85 -8.05 8.43
C PRO C 80 3.17 -8.73 8.75
N ILE C 81 3.37 -9.93 8.20
CA ILE C 81 4.57 -10.70 8.47
C ILE C 81 4.94 -11.54 7.24
N ALA C 82 6.24 -11.66 6.98
CA ALA C 82 6.72 -12.36 5.80
C ALA C 82 7.64 -13.52 6.16
N LEU C 83 7.34 -14.70 5.61
CA LEU C 83 8.18 -15.88 5.80
C LEU C 83 9.34 -15.89 4.82
N GLN C 84 10.56 -15.83 5.33
CA GLN C 84 11.75 -15.88 4.50
C GLN C 84 12.27 -17.31 4.40
N LEU C 85 12.47 -17.78 3.17
CA LEU C 85 12.93 -19.15 2.93
C LEU C 85 14.33 -19.17 2.32
N ALA C 86 15.09 -20.21 2.64
CA ALA C 86 16.42 -20.38 2.06
C ALA C 86 16.46 -21.71 1.28
N GLY C 87 17.13 -21.71 0.14
CA GLY C 87 17.21 -22.92 -0.66
C GLY C 87 17.90 -22.73 -2.01
N SER C 88 17.95 -23.80 -2.78
CA SER C 88 18.60 -23.78 -4.08
C SER C 88 17.79 -24.53 -5.14
N ASP C 89 17.10 -25.57 -4.71
CA ASP C 89 16.28 -26.35 -5.61
C ASP C 89 14.94 -25.67 -5.84
N PRO C 90 14.63 -25.31 -7.10
CA PRO C 90 13.39 -24.62 -7.45
C PRO C 90 12.12 -25.32 -6.95
N LYS C 91 12.04 -26.62 -7.16
CA LYS C 91 10.84 -27.38 -6.78
C LYS C 91 10.67 -27.44 -5.27
N SER C 92 11.78 -27.46 -4.54
CA SER C 92 11.74 -27.54 -3.08
C SER C 92 11.29 -26.23 -2.46
N LEU C 93 11.68 -25.12 -3.07
CA LEU C 93 11.32 -23.79 -2.58
C LEU C 93 9.90 -23.42 -2.96
N ALA C 94 9.40 -24.02 -4.03
CA ALA C 94 8.02 -23.78 -4.47
C ALA C 94 7.06 -24.52 -3.56
N GLU C 95 7.49 -25.68 -3.07
CA GLU C 95 6.69 -26.46 -2.14
C GLU C 95 6.73 -25.83 -0.75
N ALA C 96 7.87 -25.23 -0.42
CA ALA C 96 8.06 -24.59 0.88
C ALA C 96 7.32 -23.26 0.94
N ALA C 97 7.15 -22.62 -0.22
CA ALA C 97 6.43 -21.37 -0.30
C ALA C 97 4.93 -21.64 -0.27
N ARG C 98 4.56 -22.80 -0.79
CA ARG C 98 3.16 -23.23 -0.80
C ARG C 98 2.72 -23.52 0.63
N ILE C 99 3.65 -24.01 1.44
CA ILE C 99 3.36 -24.35 2.83
C ILE C 99 3.31 -23.09 3.70
N GLY C 100 4.23 -22.16 3.45
CA GLY C 100 4.27 -20.92 4.20
C GLY C 100 3.02 -20.09 3.99
N GLU C 101 2.56 -20.04 2.75
CA GLU C 101 1.37 -19.27 2.39
C GLU C 101 0.16 -19.77 3.17
N ALA C 102 0.12 -21.07 3.43
CA ALA C 102 -1.00 -21.68 4.12
C ALA C 102 -1.07 -21.24 5.58
N PHE C 103 0.10 -21.13 6.21
CA PHE C 103 0.17 -20.68 7.59
C PHE C 103 -0.28 -19.23 7.72
N GLY C 104 -0.46 -18.56 6.58
CA GLY C 104 -1.08 -17.26 6.54
C GLY C 104 -0.11 -16.11 6.31
N TYR C 105 1.15 -16.42 6.02
CA TYR C 105 2.15 -15.38 5.78
C TYR C 105 1.75 -14.53 4.57
N ASP C 106 1.87 -13.22 4.74
CA ASP C 106 1.45 -12.26 3.72
C ASP C 106 2.47 -12.13 2.60
N GLU C 107 3.65 -12.71 2.80
CA GLU C 107 4.75 -12.55 1.84
C GLU C 107 5.81 -13.62 2.00
N ILE C 108 6.34 -14.10 0.88
CA ILE C 108 7.41 -15.09 0.89
C ILE C 108 8.69 -14.49 0.34
N ASN C 109 9.60 -14.13 1.23
CA ASN C 109 10.87 -13.51 0.85
C ASN C 109 11.97 -14.56 0.67
N LEU C 110 12.77 -14.40 -0.38
CA LEU C 110 13.83 -15.36 -0.68
C LEU C 110 15.18 -14.85 -0.20
N ASN C 111 15.84 -15.67 0.62
CA ASN C 111 17.13 -15.31 1.20
C ASN C 111 18.27 -15.48 0.20
N LEU C 112 18.92 -14.37 -0.14
CA LEU C 112 20.06 -14.39 -1.05
C LEU C 112 21.24 -13.60 -0.46
N GLY C 113 21.39 -13.67 0.86
CA GLY C 113 22.41 -12.86 1.52
C GLY C 113 23.20 -13.57 2.62
N CYS C 114 22.74 -14.74 3.06
CA CYS C 114 23.39 -15.44 4.16
C CYS C 114 24.74 -16.01 3.75
N PRO C 115 25.84 -15.43 4.26
CA PRO C 115 27.19 -15.81 3.86
C PRO C 115 27.85 -16.81 4.80
N SER C 116 27.06 -17.50 5.62
CA SER C 116 27.60 -18.44 6.59
C SER C 116 28.23 -19.65 5.89
N GLU C 117 29.07 -20.37 6.61
CA GLU C 117 29.68 -21.59 6.08
C GLU C 117 28.61 -22.63 5.81
N LYS C 118 27.52 -22.57 6.57
CA LYS C 118 26.40 -23.49 6.39
C LYS C 118 25.72 -23.23 5.05
N ALA C 119 25.60 -21.94 4.70
CA ALA C 119 24.94 -21.55 3.46
C ALA C 119 25.77 -21.93 2.24
N GLN C 120 27.07 -21.71 2.31
CA GLN C 120 27.97 -21.99 1.19
C GLN C 120 27.98 -23.48 0.85
N GLU C 121 27.95 -24.32 1.90
CA GLU C 121 27.98 -25.76 1.72
C GLU C 121 26.66 -26.27 1.15
N GLY C 122 25.56 -25.64 1.55
CA GLY C 122 24.25 -26.01 1.05
C GLY C 122 23.96 -25.40 -0.31
N GLY C 123 24.81 -24.46 -0.72
CA GLY C 123 24.66 -23.83 -2.02
C GLY C 123 23.53 -22.83 -2.07
N TYR C 124 23.11 -22.34 -0.90
CA TYR C 124 22.05 -21.36 -0.82
C TYR C 124 22.55 -20.08 -0.15
N GLY C 125 21.68 -19.08 -0.07
CA GLY C 125 22.03 -17.82 0.55
C GLY C 125 22.69 -16.86 -0.41
N ALA C 126 23.83 -16.31 0.00
CA ALA C 126 24.52 -15.31 -0.81
C ALA C 126 25.25 -15.93 -2.01
N CYS C 127 25.62 -17.20 -1.88
CA CYS C 127 26.34 -17.88 -2.94
C CYS C 127 25.42 -18.23 -4.10
N LEU C 128 24.12 -18.00 -3.93
CA LEU C 128 23.15 -18.22 -4.99
C LEU C 128 23.24 -17.12 -6.05
N LEU C 129 23.78 -15.97 -5.65
CA LEU C 129 23.91 -14.83 -6.55
C LEU C 129 24.85 -15.12 -7.70
N LEU C 130 25.76 -16.07 -7.50
CA LEU C 130 26.69 -16.47 -8.55
C LEU C 130 25.95 -16.95 -9.79
N ASP C 131 24.80 -17.59 -9.57
CA ASP C 131 24.04 -18.20 -10.65
C ASP C 131 22.68 -17.54 -10.81
N LEU C 132 22.58 -16.61 -11.75
CA LEU C 132 21.31 -15.95 -12.04
C LEU C 132 20.32 -16.91 -12.69
N ALA C 133 20.83 -17.84 -13.50
CA ALA C 133 19.98 -18.80 -14.19
C ALA C 133 19.21 -19.65 -13.19
N ARG C 134 19.88 -20.02 -12.10
CA ARG C 134 19.25 -20.83 -11.06
C ARG C 134 18.27 -19.99 -10.26
N VAL C 135 18.69 -18.77 -9.93
CA VAL C 135 17.87 -17.87 -9.12
C VAL C 135 16.59 -17.46 -9.86
N ARG C 136 16.66 -17.44 -11.19
CA ARG C 136 15.54 -16.98 -12.00
C ARG C 136 14.49 -18.07 -12.15
N GLU C 137 14.93 -19.33 -12.20
CA GLU C 137 14.01 -20.45 -12.28
C GLU C 137 13.43 -20.77 -10.90
N ILE C 138 14.14 -20.36 -9.86
CA ILE C 138 13.64 -20.50 -8.49
C ILE C 138 12.49 -19.52 -8.28
N LEU C 139 12.66 -18.30 -8.76
CA LEU C 139 11.67 -17.25 -8.59
C LEU C 139 10.42 -17.50 -9.43
N LYS C 140 10.61 -18.09 -10.60
CA LYS C 140 9.49 -18.38 -11.50
C LYS C 140 8.61 -19.47 -10.91
N ALA C 141 9.23 -20.42 -10.22
CA ALA C 141 8.51 -21.55 -9.63
C ALA C 141 7.73 -21.12 -8.39
N MSE C 142 8.36 -20.30 -7.55
CA MSE C 142 7.74 -19.84 -6.31
C MSE C 142 6.60 -18.88 -6.59
O MSE C 142 5.55 -18.95 -5.96
CB MSE C 142 8.79 -19.15 -5.43
CG MSE C 142 9.83 -20.09 -4.82
SE MSE C 142 11.10 -19.14 -3.68
CE MSE C 142 9.85 -18.33 -2.44
N GLY C 143 6.80 -17.99 -7.56
CA GLY C 143 5.79 -16.99 -7.90
C GLY C 143 4.52 -17.61 -8.45
N GLU C 144 4.67 -18.74 -9.14
CA GLU C 144 3.54 -19.42 -9.72
C GLU C 144 2.91 -20.44 -8.76
N ALA C 145 3.58 -20.67 -7.64
CA ALA C 145 3.11 -21.64 -6.66
C ALA C 145 2.30 -20.99 -5.54
N VAL C 146 2.48 -19.69 -5.37
CA VAL C 146 1.73 -18.94 -4.35
C VAL C 146 1.14 -17.67 -4.93
N ARG C 147 0.16 -17.11 -4.23
CA ARG C 147 -0.53 -15.90 -4.68
C ARG C 147 -0.04 -14.67 -3.93
N VAL C 148 0.69 -14.88 -2.83
CA VAL C 148 1.27 -13.77 -2.10
C VAL C 148 2.55 -13.30 -2.80
N PRO C 149 2.91 -12.02 -2.60
CA PRO C 149 4.09 -11.45 -3.26
C PRO C 149 5.38 -12.18 -2.91
N VAL C 150 6.12 -12.64 -3.92
CA VAL C 150 7.41 -13.27 -3.70
C VAL C 150 8.50 -12.22 -3.86
N THR C 151 9.20 -11.92 -2.76
CA THR C 151 10.21 -10.89 -2.74
C THR C 151 11.60 -11.50 -2.59
N VAL C 152 12.61 -10.66 -2.39
CA VAL C 152 13.98 -11.11 -2.23
C VAL C 152 14.78 -10.17 -1.34
N LYS C 153 15.61 -10.74 -0.47
CA LYS C 153 16.54 -9.95 0.33
C LYS C 153 17.96 -10.33 -0.03
N MSE C 154 18.60 -9.52 -0.87
CA MSE C 154 19.88 -9.86 -1.45
C MSE C 154 20.98 -8.89 -1.03
O MSE C 154 20.72 -7.91 -0.32
CB MSE C 154 19.77 -9.83 -2.98
CG MSE C 154 19.38 -8.48 -3.54
SE MSE C 154 18.99 -8.51 -5.45
CE MSE C 154 20.72 -9.10 -6.10
N ARG C 155 22.20 -9.17 -1.47
CA ARG C 155 23.33 -8.27 -1.22
C ARG C 155 23.82 -7.68 -2.54
N LEU C 156 24.74 -6.72 -2.45
CA LEU C 156 25.21 -6.00 -3.62
C LEU C 156 26.06 -6.88 -4.55
N GLY C 157 26.77 -7.84 -3.98
CA GLY C 157 27.61 -8.73 -4.76
C GLY C 157 28.43 -9.70 -3.94
N LEU C 158 29.37 -10.37 -4.60
CA LEU C 158 30.22 -11.36 -3.94
C LEU C 158 31.70 -11.06 -4.15
N GLU C 159 32.49 -11.28 -3.10
CA GLU C 159 33.94 -11.14 -3.15
C GLU C 159 34.37 -9.74 -3.59
N GLY C 160 33.65 -8.72 -3.13
CA GLY C 160 33.97 -7.34 -3.45
C GLY C 160 34.17 -7.10 -4.93
N LYS C 161 33.54 -7.93 -5.76
CA LYS C 161 33.65 -7.81 -7.21
C LYS C 161 32.38 -7.18 -7.78
N GLU C 162 31.59 -6.55 -6.92
CA GLU C 162 30.31 -6.01 -7.32
C GLU C 162 30.46 -4.75 -8.17
N THR C 163 29.68 -4.66 -9.23
CA THR C 163 29.60 -3.46 -10.05
C THR C 163 28.15 -3.01 -10.09
N TYR C 164 27.91 -1.72 -10.31
CA TYR C 164 26.54 -1.21 -10.33
C TYR C 164 25.78 -1.74 -11.54
N ARG C 165 26.49 -1.94 -12.65
CA ARG C 165 25.87 -2.46 -13.87
C ARG C 165 25.61 -3.95 -13.73
N GLY C 166 26.33 -4.59 -12.82
CA GLY C 166 26.14 -6.01 -12.55
C GLY C 166 24.98 -6.24 -11.61
N LEU C 167 24.79 -5.33 -10.67
CA LEU C 167 23.70 -5.41 -9.71
C LEU C 167 22.38 -5.04 -10.38
N ALA C 168 22.43 -4.01 -11.23
CA ALA C 168 21.24 -3.55 -11.93
C ALA C 168 20.83 -4.57 -12.99
N GLN C 169 21.81 -5.32 -13.48
CA GLN C 169 21.55 -6.33 -14.49
C GLN C 169 20.90 -7.57 -13.88
N SER C 170 21.27 -7.89 -12.65
CA SER C 170 20.70 -9.05 -11.97
C SER C 170 19.32 -8.71 -11.41
N VAL C 171 19.09 -7.42 -11.15
CA VAL C 171 17.79 -6.96 -10.68
C VAL C 171 16.80 -6.94 -11.85
N GLU C 172 17.31 -6.71 -13.05
CA GLU C 172 16.48 -6.73 -14.25
C GLU C 172 15.93 -8.14 -14.48
N ALA C 173 16.81 -9.14 -14.33
CA ALA C 173 16.43 -10.53 -14.55
C ALA C 173 15.37 -10.99 -13.55
N MSE C 174 15.59 -10.66 -12.27
CA MSE C 174 14.66 -11.05 -11.22
C MSE C 174 13.30 -10.40 -11.41
O MSE C 174 12.27 -11.00 -11.11
CB MSE C 174 15.22 -10.66 -9.85
CG MSE C 174 16.47 -11.43 -9.44
SE MSE C 174 17.17 -10.81 -7.72
CE MSE C 174 18.67 -12.04 -7.52
N ALA C 175 13.30 -9.17 -11.92
CA ALA C 175 12.06 -8.43 -12.13
C ALA C 175 11.26 -9.05 -13.27
N GLU C 176 11.95 -9.61 -14.26
CA GLU C 176 11.30 -10.30 -15.35
C GLU C 176 10.79 -11.67 -14.88
N ALA C 177 11.34 -12.13 -13.76
CA ALA C 177 10.90 -13.39 -13.15
C ALA C 177 9.68 -13.18 -12.28
N GLY C 178 9.35 -11.91 -11.99
CA GLY C 178 8.15 -11.59 -11.25
C GLY C 178 8.38 -10.66 -10.06
N VAL C 179 9.53 -10.79 -9.41
CA VAL C 179 9.82 -10.03 -8.21
C VAL C 179 9.48 -8.54 -8.37
N LYS C 180 8.88 -7.97 -7.34
CA LYS C 180 8.52 -6.55 -7.34
C LYS C 180 9.25 -5.80 -6.24
N VAL C 181 9.44 -6.44 -5.09
CA VAL C 181 10.12 -5.81 -3.97
C VAL C 181 11.52 -6.40 -3.77
N PHE C 182 12.52 -5.52 -3.77
CA PHE C 182 13.91 -5.93 -3.59
C PHE C 182 14.50 -5.32 -2.32
N VAL C 183 14.45 -6.07 -1.22
CA VAL C 183 15.07 -5.64 0.02
C VAL C 183 16.58 -5.84 -0.07
N VAL C 184 17.31 -4.74 -0.23
CA VAL C 184 18.74 -4.81 -0.47
C VAL C 184 19.58 -4.46 0.75
N HIS C 185 20.30 -5.45 1.28
CA HIS C 185 21.36 -5.20 2.25
C HIS C 185 22.51 -4.56 1.48
N ALA C 186 22.69 -3.25 1.67
CA ALA C 186 23.63 -2.48 0.87
C ALA C 186 25.09 -2.71 1.27
N ARG C 187 25.62 -3.87 0.92
CA ARG C 187 27.03 -4.18 1.13
C ARG C 187 27.33 -5.58 0.60
N SER C 188 28.54 -5.75 0.05
CA SER C 188 28.93 -7.01 -0.54
C SER C 188 29.15 -8.08 0.54
N ALA C 189 29.24 -9.34 0.10
CA ALA C 189 29.47 -10.45 1.02
C ALA C 189 30.78 -11.15 0.67
N LEU C 190 31.74 -11.06 1.58
CA LEU C 190 33.00 -11.76 1.42
C LEU C 190 32.93 -13.11 2.12
N LEU C 191 32.77 -14.17 1.32
CA LEU C 191 32.57 -15.51 1.85
C LEU C 191 33.68 -15.96 2.79
N ALA C 192 34.84 -15.32 2.71
CA ALA C 192 35.97 -15.70 3.55
C ALA C 192 35.78 -15.26 5.00
N LEU C 193 35.09 -14.15 5.20
CA LEU C 193 34.91 -13.58 6.52
C LEU C 193 33.83 -14.29 7.33
N SER C 194 33.81 -14.04 8.63
CA SER C 194 32.78 -14.58 9.51
C SER C 194 31.47 -13.85 9.26
N THR C 195 30.39 -14.34 9.85
CA THR C 195 29.07 -13.74 9.66
C THR C 195 28.99 -12.38 10.36
N LYS C 196 29.59 -12.29 11.55
CA LYS C 196 29.61 -11.05 12.30
C LYS C 196 30.52 -10.03 11.60
N ALA C 197 31.48 -10.53 10.83
CA ALA C 197 32.42 -9.69 10.12
C ALA C 197 31.79 -9.12 8.84
N ASN C 198 30.85 -9.87 8.27
CA ASN C 198 30.21 -9.46 7.03
C ASN C 198 29.13 -8.40 7.23
N ARG C 199 28.86 -8.05 8.48
CA ARG C 199 27.88 -7.02 8.80
C ARG C 199 28.54 -5.79 9.41
N GLU C 200 29.87 -5.72 9.33
CA GLU C 200 30.60 -4.61 9.91
C GLU C 200 31.79 -4.15 9.05
N ILE C 201 32.28 -5.04 8.19
CA ILE C 201 33.49 -4.75 7.42
C ILE C 201 33.20 -4.18 6.03
N PRO C 202 32.47 -4.94 5.19
CA PRO C 202 32.20 -4.43 3.84
C PRO C 202 31.58 -3.03 3.86
N PRO C 203 31.86 -2.20 2.84
CA PRO C 203 31.36 -0.83 2.79
C PRO C 203 29.87 -0.76 2.49
N LEU C 204 29.18 0.17 3.14
CA LEU C 204 27.75 0.37 2.94
C LEU C 204 27.49 1.35 1.81
N ARG C 205 26.99 0.85 0.69
CA ARG C 205 26.68 1.69 -0.46
C ARG C 205 25.18 1.90 -0.59
N HIS C 206 24.63 2.72 0.29
CA HIS C 206 23.21 3.05 0.22
C HIS C 206 22.89 3.84 -1.03
N ASP C 207 23.89 4.57 -1.54
CA ASP C 207 23.72 5.37 -2.74
C ASP C 207 23.47 4.49 -3.97
N TRP C 208 23.93 3.24 -3.90
CA TRP C 208 23.70 2.28 -4.98
C TRP C 208 22.23 1.88 -5.03
N VAL C 209 21.60 1.78 -3.87
CA VAL C 209 20.19 1.43 -3.80
C VAL C 209 19.33 2.61 -4.23
N HIS C 210 19.79 3.82 -3.90
CA HIS C 210 19.09 5.03 -4.31
C HIS C 210 19.04 5.11 -5.83
N ARG C 211 20.15 4.74 -6.46
CA ARG C 211 20.26 4.76 -7.92
C ARG C 211 19.43 3.64 -8.55
N LEU C 212 19.25 2.55 -7.81
CA LEU C 212 18.43 1.44 -8.29
C LEU C 212 16.99 1.90 -8.48
N LYS C 213 16.54 2.80 -7.61
CA LYS C 213 15.20 3.35 -7.69
C LYS C 213 15.11 4.34 -8.85
N GLY C 214 16.21 5.02 -9.13
CA GLY C 214 16.26 5.99 -10.22
C GLY C 214 16.26 5.31 -11.58
N ASP C 215 16.82 4.11 -11.64
CA ASP C 215 16.88 3.35 -12.88
C ASP C 215 15.65 2.44 -13.04
N PHE C 216 15.01 2.14 -11.90
CA PHE C 216 13.84 1.28 -11.89
C PHE C 216 12.77 1.89 -10.99
N PRO C 217 12.11 2.95 -11.47
CA PRO C 217 11.08 3.66 -10.71
C PRO C 217 9.81 2.83 -10.52
N GLN C 218 9.67 1.75 -11.29
CA GLN C 218 8.48 0.91 -11.22
C GLN C 218 8.64 -0.18 -10.16
N LEU C 219 9.87 -0.39 -9.71
CA LEU C 219 10.16 -1.39 -8.70
C LEU C 219 10.23 -0.76 -7.31
N THR C 220 10.09 -1.60 -6.28
CA THR C 220 10.15 -1.15 -4.90
C THR C 220 11.45 -1.63 -4.26
N PHE C 221 12.21 -0.70 -3.67
CA PHE C 221 13.48 -1.04 -3.05
C PHE C 221 13.50 -0.66 -1.57
N VAL C 222 13.88 -1.61 -0.72
CA VAL C 222 13.99 -1.36 0.72
C VAL C 222 15.45 -1.48 1.15
N THR C 223 16.12 -0.34 1.25
CA THR C 223 17.54 -0.32 1.62
C THR C 223 17.72 -0.79 3.06
N ASN C 224 18.89 -1.33 3.35
CA ASN C 224 19.17 -1.89 4.68
C ASN C 224 20.65 -1.89 5.01
N GLY C 225 20.98 -1.69 6.29
CA GLY C 225 22.35 -1.79 6.75
C GLY C 225 22.86 -0.54 7.45
N GLY C 226 23.14 -0.68 8.74
CA GLY C 226 23.76 0.38 9.52
C GLY C 226 22.82 1.49 9.95
N ILE C 227 21.52 1.29 9.77
CA ILE C 227 20.54 2.29 10.18
C ILE C 227 20.41 2.26 11.70
N ARG C 228 20.79 3.36 12.34
CA ARG C 228 20.85 3.41 13.79
C ARG C 228 19.59 3.98 14.43
N SER C 229 18.89 4.85 13.72
CA SER C 229 17.74 5.54 14.28
C SER C 229 16.62 5.71 13.26
N LEU C 230 15.51 6.31 13.71
CA LEU C 230 14.37 6.57 12.84
C LEU C 230 14.64 7.81 11.99
N GLU C 231 15.54 8.66 12.46
CA GLU C 231 15.89 9.88 11.73
C GLU C 231 16.69 9.53 10.48
N GLU C 232 17.58 8.55 10.61
CA GLU C 232 18.37 8.07 9.47
C GLU C 232 17.46 7.34 8.49
N ALA C 233 16.54 6.55 9.03
CA ALA C 233 15.60 5.79 8.21
C ALA C 233 14.72 6.73 7.40
N LEU C 234 14.41 7.89 7.96
CA LEU C 234 13.59 8.88 7.28
C LEU C 234 14.34 9.52 6.12
N PHE C 235 15.65 9.70 6.30
CA PHE C 235 16.48 10.24 5.24
C PHE C 235 16.46 9.32 4.02
N HIS C 236 16.63 8.03 4.26
CA HIS C 236 16.65 7.05 3.18
C HIS C 236 15.26 6.86 2.57
N LEU C 237 14.22 7.23 3.31
CA LEU C 237 12.85 7.08 2.82
C LEU C 237 12.53 8.13 1.76
N LYS C 238 13.26 9.24 1.77
CA LYS C 238 13.04 10.31 0.80
C LYS C 238 13.73 10.00 -0.52
N ARG C 239 14.26 8.78 -0.64
CA ARG C 239 14.99 8.39 -1.84
C ARG C 239 14.55 7.01 -2.34
N VAL C 240 14.27 6.09 -1.42
CA VAL C 240 13.77 4.77 -1.77
C VAL C 240 12.45 4.48 -1.06
N ASP C 241 11.87 3.33 -1.35
CA ASP C 241 10.53 3.00 -0.88
C ASP C 241 10.47 2.63 0.59
N GLY C 242 11.53 1.99 1.10
CA GLY C 242 11.52 1.52 2.47
C GLY C 242 12.88 1.40 3.12
N VAL C 243 12.87 1.16 4.43
CA VAL C 243 14.09 0.99 5.22
C VAL C 243 13.90 -0.17 6.18
N MSE C 244 14.95 -0.98 6.35
CA MSE C 244 14.90 -2.14 7.24
C MSE C 244 15.93 -2.01 8.35
O MSE C 244 17.11 -1.78 8.09
CB MSE C 244 15.14 -3.42 6.43
CG MSE C 244 15.29 -4.67 7.28
SE MSE C 244 15.59 -6.28 6.21
CE MSE C 244 13.77 -6.57 5.60
N LEU C 245 15.47 -2.13 9.60
CA LEU C 245 16.35 -2.03 10.76
C LEU C 245 16.38 -3.37 11.52
N GLY C 246 17.58 -3.89 11.74
CA GLY C 246 17.74 -5.17 12.41
C GLY C 246 18.28 -5.03 13.82
N ARG C 247 19.59 -4.83 13.92
CA ARG C 247 20.26 -4.74 15.21
C ARG C 247 19.85 -3.47 15.96
N ALA C 248 19.41 -2.47 15.22
CA ALA C 248 18.93 -1.23 15.83
C ALA C 248 17.70 -1.50 16.67
N VAL C 249 16.84 -2.39 16.18
CA VAL C 249 15.58 -2.70 16.84
C VAL C 249 15.77 -3.65 18.02
N TYR C 250 16.59 -4.69 17.82
CA TYR C 250 16.78 -5.70 18.85
C TYR C 250 17.52 -5.12 20.06
N GLU C 251 18.63 -4.43 19.80
CA GLU C 251 19.40 -3.81 20.87
C GLU C 251 18.54 -2.85 21.69
N ASP C 252 17.49 -2.32 21.06
CA ASP C 252 16.55 -1.43 21.74
C ASP C 252 15.30 -1.27 20.91
N PRO C 253 14.26 -2.07 21.21
CA PRO C 253 12.99 -2.08 20.47
C PRO C 253 12.36 -0.70 20.34
N PHE C 254 12.59 0.18 21.31
CA PHE C 254 11.98 1.51 21.30
C PHE C 254 12.76 2.50 20.42
N VAL C 255 13.54 1.96 19.49
CA VAL C 255 14.15 2.78 18.45
C VAL C 255 13.06 3.06 17.43
N LEU C 256 12.02 2.23 17.44
CA LEU C 256 10.85 2.43 16.61
C LEU C 256 9.75 3.13 17.42
N GLU C 257 10.16 3.90 18.42
CA GLU C 257 9.23 4.57 19.31
C GLU C 257 8.32 5.54 18.54
N GLU C 258 8.90 6.28 17.62
CA GLU C 258 8.17 7.26 16.83
C GLU C 258 7.76 6.71 15.47
N ALA C 259 8.06 5.43 15.24
CA ALA C 259 7.82 4.82 13.93
C ALA C 259 6.38 4.96 13.46
N ASP C 260 5.42 4.66 14.33
CA ASP C 260 4.01 4.73 13.97
C ASP C 260 3.59 6.15 13.64
N ARG C 261 3.95 7.08 14.51
CA ARG C 261 3.46 8.45 14.43
C ARG C 261 4.01 9.23 13.23
N ARG C 262 5.28 8.96 12.88
CA ARG C 262 5.95 9.74 11.85
C ARG C 262 5.95 9.03 10.49
N VAL C 263 6.19 7.73 10.50
CA VAL C 263 6.29 6.96 9.26
C VAL C 263 4.93 6.48 8.75
N PHE C 264 4.15 5.87 9.63
CA PHE C 264 2.87 5.30 9.25
C PHE C 264 1.69 6.25 9.51
N GLY C 265 1.99 7.40 10.09
CA GLY C 265 0.99 8.46 10.25
C GLY C 265 -0.13 8.12 11.22
N LEU C 266 0.07 7.09 12.04
CA LEU C 266 -0.92 6.73 13.05
C LEU C 266 -0.79 7.64 14.27
N PRO C 267 -1.89 7.80 15.03
CA PRO C 267 -1.91 8.71 16.18
C PRO C 267 -1.65 7.99 17.50
N ARG C 268 -0.48 7.39 17.63
CA ARG C 268 -0.19 6.58 18.81
C ARG C 268 1.32 6.45 19.06
N ARG C 269 1.71 6.72 20.30
CA ARG C 269 3.10 6.58 20.72
C ARG C 269 3.16 5.71 21.98
N PRO C 270 3.84 4.56 21.90
CA PRO C 270 3.86 3.60 23.00
C PRO C 270 4.76 4.03 24.17
N SER C 271 4.47 3.50 25.35
CA SER C 271 5.30 3.72 26.52
C SER C 271 6.05 2.45 26.86
N ARG C 272 7.30 2.59 27.26
CA ARG C 272 8.12 1.42 27.59
C ARG C 272 7.46 0.60 28.69
N LEU C 273 6.70 1.27 29.55
CA LEU C 273 6.05 0.60 30.67
C LEU C 273 4.76 -0.07 30.23
N GLU C 274 3.99 0.61 29.37
CA GLU C 274 2.76 0.04 28.85
C GLU C 274 3.04 -1.24 28.07
N VAL C 275 4.11 -1.22 27.29
CA VAL C 275 4.50 -2.38 26.50
C VAL C 275 4.92 -3.53 27.40
N ALA C 276 5.53 -3.19 28.54
CA ALA C 276 5.98 -4.20 29.50
C ALA C 276 4.78 -4.84 30.19
N ARG C 277 3.71 -4.07 30.36
CA ARG C 277 2.50 -4.57 30.99
C ARG C 277 1.80 -5.58 30.09
N ARG C 278 1.78 -5.29 28.79
CA ARG C 278 1.13 -6.17 27.83
C ARG C 278 1.99 -7.38 27.52
N MSE C 279 3.30 -7.24 27.65
CA MSE C 279 4.21 -8.36 27.42
C MSE C 279 4.16 -9.33 28.58
O MSE C 279 4.53 -10.50 28.44
CB MSE C 279 5.64 -7.84 27.23
CG MSE C 279 5.92 -7.26 25.84
SE MSE C 279 5.60 -8.54 24.41
CE MSE C 279 6.78 -9.97 25.01
N ARG C 280 3.71 -8.84 29.73
CA ARG C 280 3.53 -9.70 30.90
C ARG C 280 2.31 -10.58 30.72
N ALA C 281 1.23 -9.99 30.21
CA ALA C 281 -0.01 -10.72 29.94
C ALA C 281 0.21 -11.73 28.83
N TYR C 282 1.04 -11.34 27.85
CA TYR C 282 1.39 -12.23 26.75
C TYR C 282 2.26 -13.38 27.27
N LEU C 283 3.01 -13.11 28.32
CA LEU C 283 3.87 -14.12 28.93
C LEU C 283 3.05 -15.08 29.78
N GLU C 284 1.91 -14.61 30.26
CA GLU C 284 1.04 -15.43 31.11
C GLU C 284 0.28 -16.45 30.26
N GLU C 285 -0.21 -16.00 29.12
CA GLU C 285 -0.88 -16.89 28.17
C GLU C 285 0.08 -17.97 27.70
N GLU C 286 1.21 -17.54 27.16
CA GLU C 286 2.19 -18.45 26.57
C GLU C 286 2.72 -19.45 27.59
N VAL C 287 3.30 -18.95 28.69
CA VAL C 287 3.81 -19.82 29.73
C VAL C 287 2.77 -20.85 30.16
N LEU C 288 1.53 -20.40 30.26
CA LEU C 288 0.44 -21.22 30.78
C LEU C 288 -0.01 -22.30 29.79
N LYS C 289 0.43 -22.20 28.54
CA LYS C 289 0.16 -23.23 27.55
C LYS C 289 1.44 -23.87 27.00
N GLY C 290 2.44 -24.00 27.86
CA GLY C 290 3.62 -24.81 27.54
C GLY C 290 4.83 -24.07 27.01
N THR C 291 4.77 -22.74 26.99
CA THR C 291 5.87 -21.93 26.50
C THR C 291 6.87 -21.66 27.61
N PRO C 292 8.13 -22.11 27.44
CA PRO C 292 9.17 -21.82 28.43
C PRO C 292 9.24 -20.32 28.69
N PRO C 293 9.31 -19.92 29.98
CA PRO C 293 9.28 -18.49 30.32
C PRO C 293 10.46 -17.71 29.74
N TRP C 294 11.57 -18.39 29.49
CA TRP C 294 12.77 -17.73 28.99
C TRP C 294 12.69 -17.47 27.48
N ALA C 295 11.81 -18.21 26.81
CA ALA C 295 11.60 -18.02 25.38
C ALA C 295 10.99 -16.64 25.11
N VAL C 296 10.26 -16.12 26.09
CA VAL C 296 9.61 -14.81 25.96
C VAL C 296 10.40 -13.73 26.70
N LEU C 297 11.05 -14.11 27.80
CA LEU C 297 11.72 -13.14 28.66
C LEU C 297 13.09 -12.73 28.14
N ARG C 298 13.71 -13.57 27.32
CA ARG C 298 15.05 -13.29 26.81
C ARG C 298 15.03 -12.27 25.68
N HIS C 299 13.82 -11.87 25.27
CA HIS C 299 13.66 -10.87 24.22
C HIS C 299 13.11 -9.56 24.78
N MSE C 300 12.89 -9.51 26.09
CA MSE C 300 12.36 -8.32 26.75
C MSE C 300 13.44 -7.61 27.55
O MSE C 300 13.17 -6.65 28.27
CB MSE C 300 11.21 -8.70 27.68
CG MSE C 300 10.02 -9.34 26.99
SE MSE C 300 8.61 -9.81 28.24
CE MSE C 300 8.31 -8.04 29.02
N LEU C 301 14.68 -8.07 27.43
CA LEU C 301 15.78 -7.54 28.22
C LEU C 301 16.20 -6.13 27.77
N ASN C 302 15.95 -5.82 26.50
CA ASN C 302 16.35 -4.54 25.93
C ASN C 302 15.23 -3.52 25.94
N LEU C 303 14.14 -3.82 26.65
CA LEU C 303 12.99 -2.93 26.70
C LEU C 303 13.33 -1.63 27.42
N PHE C 304 14.27 -1.71 28.36
CA PHE C 304 14.69 -0.53 29.12
C PHE C 304 16.19 -0.27 28.93
N ARG C 305 16.68 -0.51 27.72
CA ARG C 305 18.07 -0.22 27.38
C ARG C 305 18.28 1.29 27.36
N GLY C 306 19.29 1.76 28.07
CA GLY C 306 19.59 3.17 28.13
C GLY C 306 18.58 3.96 28.93
N ARG C 307 17.86 3.28 29.81
CA ARG C 307 16.87 3.93 30.67
C ARG C 307 17.27 3.76 32.13
N PRO C 308 16.75 4.64 33.00
CA PRO C 308 17.03 4.57 34.45
C PRO C 308 16.76 3.19 35.03
N LYS C 309 17.73 2.66 35.76
CA LYS C 309 17.58 1.37 36.43
C LYS C 309 17.31 0.24 35.43
N GLY C 310 17.80 0.40 34.20
CA GLY C 310 17.64 -0.61 33.17
C GLY C 310 18.43 -1.86 33.50
N ARG C 311 19.60 -1.66 34.11
CA ARG C 311 20.45 -2.75 34.56
C ARG C 311 19.69 -3.72 35.45
N LEU C 312 19.02 -3.20 36.48
CA LEU C 312 18.31 -4.05 37.44
C LEU C 312 17.12 -4.76 36.81
N TRP C 313 16.52 -4.11 35.81
CA TRP C 313 15.42 -4.73 35.08
C TRP C 313 15.92 -5.94 34.29
N ARG C 314 17.11 -5.78 33.72
CA ARG C 314 17.72 -6.81 32.87
C ARG C 314 18.31 -7.93 33.72
N ARG C 315 18.72 -7.60 34.94
CA ARG C 315 19.30 -8.57 35.87
C ARG C 315 18.19 -9.47 36.42
N LEU C 316 17.09 -8.85 36.82
CA LEU C 316 15.97 -9.55 37.43
C LEU C 316 15.44 -10.67 36.53
N LEU C 317 15.33 -10.38 35.23
CA LEU C 317 14.74 -11.33 34.30
C LEU C 317 15.71 -12.43 33.91
N SER C 318 16.99 -12.09 33.83
CA SER C 318 18.01 -13.05 33.42
C SER C 318 18.42 -13.97 34.56
N GLU C 319 18.00 -13.63 35.78
CA GLU C 319 18.33 -14.43 36.96
C GLU C 319 17.15 -15.31 37.36
N GLY C 320 15.97 -14.71 37.46
CA GLY C 320 14.78 -15.44 37.85
C GLY C 320 14.20 -16.27 36.72
N ARG C 321 13.96 -15.62 35.58
CA ARG C 321 13.40 -16.30 34.41
C ARG C 321 12.06 -16.94 34.75
N SER C 322 11.13 -16.13 35.26
CA SER C 322 9.80 -16.61 35.62
C SER C 322 8.80 -15.47 35.61
N LEU C 323 7.52 -15.80 35.54
CA LEU C 323 6.47 -14.79 35.54
C LEU C 323 6.51 -13.99 36.83
N GLN C 324 6.74 -14.67 37.95
CA GLN C 324 6.80 -14.02 39.25
C GLN C 324 7.94 -13.02 39.30
N ALA C 325 9.05 -13.35 38.65
CA ALA C 325 10.21 -12.48 38.61
C ALA C 325 9.90 -11.21 37.80
N LEU C 326 9.10 -11.37 36.75
CA LEU C 326 8.72 -10.25 35.90
C LEU C 326 7.72 -9.34 36.63
N ASP C 327 6.99 -9.92 37.57
CA ASP C 327 6.00 -9.16 38.33
C ASP C 327 6.70 -8.23 39.33
N ARG C 328 7.82 -8.69 39.88
CA ARG C 328 8.59 -7.89 40.82
C ARG C 328 9.41 -6.82 40.10
N ALA C 329 9.84 -7.15 38.88
CA ALA C 329 10.62 -6.22 38.07
C ALA C 329 9.73 -5.09 37.55
N LEU C 330 8.48 -5.42 37.24
CA LEU C 330 7.51 -4.43 36.78
C LEU C 330 7.11 -3.51 37.93
N ARG C 331 6.97 -4.10 39.11
CA ARG C 331 6.57 -3.33 40.29
C ARG C 331 7.63 -2.30 40.64
N LEU C 332 8.89 -2.67 40.45
CA LEU C 332 9.99 -1.76 40.75
C LEU C 332 9.99 -0.61 39.76
N MSE C 333 9.82 -0.93 38.48
CA MSE C 333 9.81 0.10 37.44
C MSE C 333 8.70 1.12 37.67
O MSE C 333 8.86 2.30 37.38
CB MSE C 333 9.65 -0.54 36.06
CG MSE C 333 10.95 -1.03 35.46
SE MSE C 333 12.22 0.43 35.20
CE MSE C 333 13.82 -0.60 34.82
N GLU C 334 7.57 0.65 38.20
CA GLU C 334 6.46 1.54 38.51
C GLU C 334 6.83 2.48 39.65
N GLU C 335 7.57 1.94 40.62
CA GLU C 335 8.04 2.73 41.76
C GLU C 335 9.01 3.80 41.30
N GLU C 336 9.77 3.51 40.25
CA GLU C 336 10.77 4.43 39.74
C GLU C 336 10.22 5.25 38.57
N MSE D 22 -0.17 3.75 3.85
CA MSE D 22 -0.33 4.33 2.49
C MSE D 22 -1.57 3.79 1.80
O MSE D 22 -2.25 2.90 2.32
CB MSE D 22 0.90 4.03 1.63
CG MSE D 22 1.17 2.56 1.42
SE MSE D 22 2.55 2.24 0.08
CE MSE D 22 3.94 3.40 0.81
N LEU D 23 -1.87 4.32 0.61
CA LEU D 23 -3.04 3.90 -0.15
C LEU D 23 -2.60 3.18 -1.42
N ASP D 24 -3.40 2.20 -1.84
CA ASP D 24 -3.15 1.46 -3.07
C ASP D 24 -3.69 2.24 -4.27
N PRO D 25 -2.78 2.82 -5.08
CA PRO D 25 -3.18 3.69 -6.19
C PRO D 25 -3.34 2.94 -7.52
N ARG D 26 -2.98 1.66 -7.54
CA ARG D 26 -2.93 0.89 -8.78
C ARG D 26 -4.16 1.05 -9.66
N LEU D 27 -5.33 1.27 -9.05
CA LEU D 27 -6.56 1.36 -9.82
C LEU D 27 -7.64 2.11 -9.04
N SER D 28 -8.43 2.91 -9.75
CA SER D 28 -9.48 3.71 -9.13
C SER D 28 -10.49 4.19 -10.16
N VAL D 29 -11.74 4.37 -9.72
CA VAL D 29 -12.79 4.91 -10.59
C VAL D 29 -12.83 6.43 -10.47
N ALA D 30 -12.88 7.10 -11.62
CA ALA D 30 -12.79 8.55 -11.66
C ALA D 30 -14.00 9.24 -11.04
N PRO D 31 -13.78 10.40 -10.40
CA PRO D 31 -14.86 11.22 -9.87
C PRO D 31 -15.66 11.87 -10.99
N MSE D 32 -16.97 11.66 -10.98
CA MSE D 32 -17.83 12.18 -12.03
C MSE D 32 -19.15 12.70 -11.46
O MSE D 32 -19.97 11.91 -11.00
CB MSE D 32 -18.10 11.09 -13.07
CG MSE D 32 -16.86 10.59 -13.79
SE MSE D 32 -17.23 9.07 -14.96
CE MSE D 32 -17.69 7.74 -13.61
N VAL D 33 -19.33 14.01 -11.49
CA VAL D 33 -20.55 14.63 -10.98
C VAL D 33 -21.77 14.02 -11.66
N ASP D 34 -22.79 13.73 -10.85
CA ASP D 34 -24.05 13.20 -11.36
C ASP D 34 -23.91 11.74 -11.82
N ARG D 35 -22.83 11.10 -11.40
CA ARG D 35 -22.57 9.70 -11.77
C ARG D 35 -22.17 8.89 -10.54
N THR D 36 -21.07 9.31 -9.91
CA THR D 36 -20.47 8.53 -8.83
C THR D 36 -21.04 8.89 -7.45
N ASP D 37 -22.35 8.99 -7.33
CA ASP D 37 -22.98 9.17 -6.03
C ASP D 37 -22.87 7.86 -5.27
N ARG D 38 -23.13 7.90 -3.97
CA ARG D 38 -22.89 6.75 -3.10
C ARG D 38 -23.58 5.47 -3.59
N HIS D 39 -24.61 5.62 -4.41
CA HIS D 39 -25.34 4.47 -4.92
C HIS D 39 -24.52 3.73 -5.99
N PHE D 40 -24.07 4.46 -7.00
CA PHE D 40 -23.28 3.86 -8.07
C PHE D 40 -21.95 3.33 -7.56
N ARG D 41 -21.35 4.06 -6.62
CA ARG D 41 -20.08 3.64 -6.04
C ARG D 41 -20.22 2.29 -5.35
N PHE D 42 -21.36 2.08 -4.72
CA PHE D 42 -21.63 0.80 -4.06
C PHE D 42 -21.69 -0.32 -5.09
N LEU D 43 -22.28 -0.04 -6.24
CA LEU D 43 -22.41 -1.02 -7.31
C LEU D 43 -21.04 -1.39 -7.87
N VAL D 44 -20.18 -0.39 -8.03
CA VAL D 44 -18.83 -0.62 -8.50
C VAL D 44 -18.06 -1.44 -7.48
N ARG D 45 -18.42 -1.29 -6.22
CA ARG D 45 -17.77 -2.02 -5.14
C ARG D 45 -18.21 -3.48 -5.13
N GLN D 46 -19.31 -3.76 -5.81
CA GLN D 46 -19.81 -5.13 -5.94
C GLN D 46 -19.09 -5.86 -7.07
N VAL D 47 -18.49 -5.10 -7.98
CA VAL D 47 -17.75 -5.68 -9.10
C VAL D 47 -16.28 -5.83 -8.75
N SER D 48 -15.75 -4.84 -8.04
CA SER D 48 -14.33 -4.85 -7.66
C SER D 48 -14.18 -4.42 -6.21
N LEU D 49 -13.49 -5.23 -5.42
CA LEU D 49 -13.28 -4.96 -4.00
C LEU D 49 -12.14 -3.98 -3.79
N GLY D 50 -11.12 -4.07 -4.63
CA GLY D 50 -9.89 -3.33 -4.45
C GLY D 50 -9.88 -1.95 -5.09
N VAL D 51 -10.64 -1.79 -6.17
CA VAL D 51 -10.65 -0.51 -6.89
C VAL D 51 -10.96 0.63 -5.94
N ARG D 52 -10.29 1.76 -6.15
CA ARG D 52 -10.39 2.91 -5.25
C ARG D 52 -11.44 3.89 -5.76
N LEU D 53 -12.45 4.16 -4.94
CA LEU D 53 -13.56 5.00 -5.35
C LEU D 53 -13.30 6.49 -5.09
N TYR D 54 -13.99 7.34 -5.86
CA TYR D 54 -13.89 8.78 -5.70
C TYR D 54 -15.27 9.41 -5.75
N THR D 55 -15.55 10.29 -4.79
CA THR D 55 -16.82 11.00 -4.76
C THR D 55 -16.91 12.01 -5.90
N GLU D 56 -18.08 12.58 -6.10
CA GLU D 56 -18.25 13.65 -7.07
C GLU D 56 -17.50 14.88 -6.57
N MSE D 57 -17.27 15.84 -7.46
CA MSE D 57 -16.64 17.08 -7.03
C MSE D 57 -17.57 17.82 -6.09
O MSE D 57 -18.69 18.19 -6.46
CB MSE D 57 -16.30 17.97 -8.23
CG MSE D 57 -15.52 19.21 -7.87
SE MSE D 57 -15.49 20.55 -9.28
CE MSE D 57 -17.39 21.02 -9.29
N THR D 58 -17.12 18.04 -4.86
CA THR D 58 -17.93 18.70 -3.84
C THR D 58 -17.25 19.98 -3.37
N VAL D 59 -17.78 21.11 -3.81
CA VAL D 59 -17.20 22.40 -3.47
C VAL D 59 -17.22 22.64 -1.96
N ASP D 60 -16.26 23.41 -1.48
CA ASP D 60 -16.08 23.60 -0.04
C ASP D 60 -17.22 24.38 0.62
N GLN D 61 -17.76 25.37 -0.09
CA GLN D 61 -18.81 26.20 0.46
C GLN D 61 -20.09 25.39 0.71
N ALA D 62 -20.27 24.32 -0.06
CA ALA D 62 -21.42 23.45 0.09
C ALA D 62 -21.23 22.50 1.27
N VAL D 63 -19.97 22.26 1.61
CA VAL D 63 -19.63 21.40 2.75
C VAL D 63 -19.73 22.16 4.07
N LEU D 64 -19.54 23.47 4.01
CA LEU D 64 -19.55 24.29 5.21
C LEU D 64 -20.96 24.80 5.54
N ARG D 65 -21.75 25.06 4.50
CA ARG D 65 -23.06 25.68 4.69
C ARG D 65 -24.22 24.81 4.20
N GLY D 66 -23.89 23.63 3.68
CA GLY D 66 -24.91 22.71 3.22
C GLY D 66 -25.19 21.63 4.23
N ASN D 67 -26.19 20.79 3.96
CA ASN D 67 -26.50 19.67 4.84
C ASN D 67 -25.37 18.64 4.74
N ARG D 68 -24.51 18.63 5.75
CA ARG D 68 -23.28 17.85 5.70
C ARG D 68 -23.53 16.35 5.70
N GLU D 69 -24.64 15.92 6.29
CA GLU D 69 -24.97 14.50 6.33
C GLU D 69 -25.43 14.03 4.94
N ARG D 70 -26.12 14.90 4.23
CA ARG D 70 -26.59 14.59 2.88
C ARG D 70 -25.44 14.44 1.91
N LEU D 71 -24.48 15.35 1.99
CA LEU D 71 -23.40 15.43 1.00
C LEU D 71 -22.29 14.40 1.20
N LEU D 72 -21.94 14.13 2.46
CA LEU D 72 -20.72 13.39 2.76
C LEU D 72 -20.94 12.01 3.38
N ALA D 73 -22.16 11.71 3.78
CA ALA D 73 -22.45 10.40 4.38
C ALA D 73 -22.36 9.30 3.33
N PHE D 74 -21.65 8.22 3.66
CA PHE D 74 -21.48 7.10 2.75
C PHE D 74 -21.39 5.77 3.51
N ARG D 75 -21.57 4.67 2.80
CA ARG D 75 -21.52 3.34 3.41
C ARG D 75 -20.08 2.88 3.64
N PRO D 76 -19.86 2.07 4.67
CA PRO D 76 -18.54 1.54 5.00
C PRO D 76 -18.02 0.54 3.97
N GLU D 77 -18.91 0.02 3.14
CA GLU D 77 -18.51 -0.91 2.08
C GLU D 77 -17.69 -0.19 1.01
N GLU D 78 -17.89 1.12 0.90
CA GLU D 78 -17.27 1.91 -0.15
C GLU D 78 -15.78 2.17 0.09
N HIS D 79 -15.28 1.75 1.24
CA HIS D 79 -13.86 1.87 1.53
C HIS D 79 -13.06 0.93 0.64
N PRO D 80 -11.93 1.40 0.11
CA PRO D 80 -11.40 2.75 0.30
C PRO D 80 -12.06 3.78 -0.63
N ILE D 81 -12.43 4.93 -0.07
CA ILE D 81 -13.08 5.98 -0.83
C ILE D 81 -12.48 7.34 -0.47
N ALA D 82 -12.38 8.22 -1.46
CA ALA D 82 -11.74 9.52 -1.27
C ALA D 82 -12.68 10.67 -1.60
N LEU D 83 -12.83 11.60 -0.66
CA LEU D 83 -13.63 12.80 -0.87
C LEU D 83 -12.85 13.86 -1.62
N GLN D 84 -13.34 14.24 -2.80
CA GLN D 84 -12.72 15.29 -3.59
C GLN D 84 -13.42 16.62 -3.35
N LEU D 85 -12.65 17.65 -3.03
CA LEU D 85 -13.19 18.97 -2.77
C LEU D 85 -12.78 19.95 -3.85
N ALA D 86 -13.56 21.03 -4.01
CA ALA D 86 -13.23 22.10 -4.93
C ALA D 86 -13.24 23.43 -4.18
N GLY D 87 -12.38 24.36 -4.58
CA GLY D 87 -12.31 25.64 -3.92
C GLY D 87 -11.03 26.40 -4.21
N SER D 88 -10.91 27.60 -3.64
CA SER D 88 -9.76 28.44 -3.87
C SER D 88 -9.23 29.05 -2.58
N ASP D 89 -10.11 29.28 -1.62
CA ASP D 89 -9.71 29.88 -0.35
C ASP D 89 -9.10 28.83 0.57
N PRO D 90 -7.82 29.02 0.96
CA PRO D 90 -7.12 28.08 1.84
C PRO D 90 -7.88 27.76 3.13
N LYS D 91 -8.34 28.80 3.83
CA LYS D 91 -9.08 28.61 5.07
C LYS D 91 -10.27 27.68 4.88
N SER D 92 -11.03 27.92 3.81
CA SER D 92 -12.28 27.20 3.56
C SER D 92 -12.05 25.76 3.13
N LEU D 93 -10.92 25.50 2.47
CA LEU D 93 -10.60 24.16 2.00
C LEU D 93 -9.98 23.31 3.10
N ALA D 94 -9.40 23.98 4.11
CA ALA D 94 -8.83 23.28 5.25
C ALA D 94 -9.95 22.93 6.23
N GLU D 95 -11.01 23.74 6.23
CA GLU D 95 -12.17 23.49 7.05
C GLU D 95 -13.02 22.37 6.44
N ALA D 96 -13.05 22.35 5.10
CA ALA D 96 -13.83 21.35 4.38
C ALA D 96 -13.13 20.00 4.43
N ALA D 97 -11.80 20.03 4.45
CA ALA D 97 -11.01 18.80 4.56
C ALA D 97 -11.11 18.25 5.97
N ARG D 98 -11.28 19.16 6.93
CA ARG D 98 -11.45 18.78 8.33
C ARG D 98 -12.77 18.02 8.48
N ILE D 99 -13.77 18.47 7.75
CA ILE D 99 -15.11 17.87 7.81
C ILE D 99 -15.16 16.53 7.08
N GLY D 100 -14.44 16.45 5.97
CA GLY D 100 -14.41 15.23 5.17
C GLY D 100 -13.71 14.10 5.91
N GLU D 101 -12.66 14.45 6.63
CA GLU D 101 -11.89 13.45 7.39
C GLU D 101 -12.76 12.79 8.45
N ALA D 102 -13.68 13.56 9.03
CA ALA D 102 -14.52 13.06 10.12
C ALA D 102 -15.53 12.03 9.60
N PHE D 103 -16.11 12.29 8.44
CA PHE D 103 -17.07 11.36 7.85
C PHE D 103 -16.42 10.02 7.53
N GLY D 104 -15.10 9.97 7.65
CA GLY D 104 -14.37 8.71 7.57
C GLY D 104 -13.62 8.50 6.27
N TYR D 105 -13.70 9.46 5.35
CA TYR D 105 -13.01 9.34 4.08
C TYR D 105 -11.52 9.10 4.31
N ASP D 106 -10.94 8.23 3.48
CA ASP D 106 -9.56 7.82 3.63
C ASP D 106 -8.60 8.80 2.96
N GLU D 107 -9.16 9.74 2.19
CA GLU D 107 -8.34 10.65 1.39
C GLU D 107 -9.10 11.90 0.97
N ILE D 108 -8.44 13.05 1.06
CA ILE D 108 -9.03 14.31 0.62
C ILE D 108 -8.30 14.81 -0.63
N ASN D 109 -8.88 14.52 -1.79
CA ASN D 109 -8.30 14.93 -3.06
C ASN D 109 -8.73 16.33 -3.48
N LEU D 110 -7.80 17.11 -4.00
CA LEU D 110 -8.08 18.47 -4.43
C LEU D 110 -8.34 18.52 -5.93
N ASN D 111 -9.44 19.16 -6.32
CA ASN D 111 -9.81 19.25 -7.73
C ASN D 111 -9.10 20.41 -8.43
N LEU D 112 -8.32 20.08 -9.45
CA LEU D 112 -7.56 21.08 -10.20
C LEU D 112 -7.70 20.87 -11.70
N GLY D 113 -8.88 20.42 -12.14
CA GLY D 113 -9.09 20.12 -13.54
C GLY D 113 -10.45 20.52 -14.10
N CYS D 114 -11.37 20.93 -13.24
CA CYS D 114 -12.73 21.25 -13.66
C CYS D 114 -12.77 22.56 -14.46
N PRO D 115 -13.00 22.45 -15.78
CA PRO D 115 -12.95 23.61 -16.68
C PRO D 115 -14.31 24.20 -17.02
N SER D 116 -15.32 23.93 -16.19
CA SER D 116 -16.67 24.43 -16.44
C SER D 116 -16.73 25.95 -16.27
N GLU D 117 -17.74 26.58 -16.86
CA GLU D 117 -17.93 28.01 -16.68
C GLU D 117 -18.18 28.32 -15.21
N LYS D 118 -18.75 27.36 -14.50
CA LYS D 118 -19.05 27.52 -13.08
C LYS D 118 -17.76 27.59 -12.28
N ALA D 119 -16.78 26.80 -12.70
CA ALA D 119 -15.49 26.74 -12.01
C ALA D 119 -14.66 27.99 -12.30
N GLN D 120 -14.73 28.46 -13.54
CA GLN D 120 -13.97 29.64 -13.95
C GLN D 120 -14.44 30.88 -13.20
N GLU D 121 -15.74 30.94 -12.92
CA GLU D 121 -16.33 32.08 -12.22
C GLU D 121 -15.90 32.09 -10.75
N GLY D 122 -15.97 30.93 -10.11
CA GLY D 122 -15.59 30.82 -8.72
C GLY D 122 -14.09 30.77 -8.51
N GLY D 123 -13.35 30.68 -9.61
CA GLY D 123 -11.90 30.65 -9.56
C GLY D 123 -11.35 29.39 -8.93
N TYR D 124 -12.02 28.26 -9.18
CA TYR D 124 -11.55 26.97 -8.69
C TYR D 124 -11.48 25.97 -9.84
N GLY D 125 -10.88 24.81 -9.58
CA GLY D 125 -10.76 23.78 -10.59
C GLY D 125 -9.49 23.91 -11.41
N ALA D 126 -9.63 23.92 -12.73
CA ALA D 126 -8.49 23.97 -13.63
C ALA D 126 -7.82 25.34 -13.65
N CYS D 127 -8.61 26.39 -13.39
CA CYS D 127 -8.08 27.75 -13.45
C CYS D 127 -7.23 28.07 -12.22
N LEU D 128 -7.11 27.12 -11.30
CA LEU D 128 -6.24 27.28 -10.14
C LEU D 128 -4.79 27.11 -10.51
N LEU D 129 -4.53 26.55 -11.70
CA LEU D 129 -3.17 26.26 -12.13
C LEU D 129 -2.43 27.53 -12.53
N LEU D 130 -3.18 28.58 -12.86
CA LEU D 130 -2.58 29.86 -13.21
C LEU D 130 -1.98 30.52 -11.97
N ASP D 131 -2.37 30.00 -10.80
CA ASP D 131 -1.95 30.58 -9.53
C ASP D 131 -1.28 29.52 -8.65
N LEU D 132 -0.03 29.22 -8.94
CA LEU D 132 0.73 28.24 -8.17
C LEU D 132 0.93 28.71 -6.73
N ALA D 133 1.00 30.01 -6.54
CA ALA D 133 1.17 30.58 -5.21
C ALA D 133 -0.05 30.26 -4.34
N ARG D 134 -1.23 30.29 -4.94
CA ARG D 134 -2.47 30.01 -4.23
C ARG D 134 -2.61 28.52 -3.95
N VAL D 135 -2.30 27.71 -4.95
CA VAL D 135 -2.45 26.26 -4.83
C VAL D 135 -1.51 25.68 -3.79
N ARG D 136 -0.34 26.29 -3.64
CA ARG D 136 0.67 25.76 -2.72
C ARG D 136 0.30 26.07 -1.27
N GLU D 137 -0.35 27.20 -1.04
CA GLU D 137 -0.80 27.56 0.30
C GLU D 137 -2.11 26.87 0.65
N ILE D 138 -2.84 26.43 -0.38
CA ILE D 138 -4.04 25.64 -0.19
C ILE D 138 -3.65 24.25 0.31
N LEU D 139 -2.59 23.70 -0.28
CA LEU D 139 -2.12 22.36 0.06
C LEU D 139 -1.41 22.33 1.41
N LYS D 140 -0.82 23.44 1.80
CA LYS D 140 -0.13 23.54 3.08
C LYS D 140 -1.15 23.59 4.22
N ALA D 141 -2.29 24.23 3.95
CA ALA D 141 -3.34 24.37 4.94
C ALA D 141 -4.16 23.09 5.09
N MSE D 142 -4.40 22.42 3.97
CA MSE D 142 -5.21 21.21 3.97
C MSE D 142 -4.44 20.02 4.53
O MSE D 142 -4.97 19.25 5.33
CB MSE D 142 -5.66 20.88 2.54
CG MSE D 142 -6.72 21.82 1.98
SE MSE D 142 -7.34 21.28 0.21
CE MSE D 142 -7.95 19.48 0.67
N GLY D 143 -3.19 19.87 4.12
CA GLY D 143 -2.36 18.76 4.56
C GLY D 143 -2.02 18.83 6.03
N GLU D 144 -2.09 20.03 6.59
CA GLU D 144 -1.77 20.22 8.00
C GLU D 144 -3.03 20.35 8.85
N ALA D 145 -4.18 20.06 8.25
CA ALA D 145 -5.46 20.12 8.94
C ALA D 145 -6.05 18.72 9.12
N VAL D 146 -5.51 17.76 8.38
CA VAL D 146 -5.99 16.38 8.45
C VAL D 146 -4.82 15.39 8.50
N ARG D 147 -5.12 14.16 8.92
CA ARG D 147 -4.10 13.13 9.03
C ARG D 147 -4.08 12.23 7.80
N VAL D 148 -5.15 12.30 7.01
CA VAL D 148 -5.26 11.48 5.81
C VAL D 148 -4.48 12.10 4.65
N PRO D 149 -4.12 11.29 3.65
CA PRO D 149 -3.42 11.74 2.45
C PRO D 149 -4.18 12.82 1.68
N VAL D 150 -3.55 13.98 1.49
CA VAL D 150 -4.12 15.02 0.64
C VAL D 150 -3.50 14.93 -0.73
N THR D 151 -4.32 14.62 -1.73
CA THR D 151 -3.85 14.38 -3.09
C THR D 151 -4.32 15.49 -4.03
N VAL D 152 -4.07 15.29 -5.33
CA VAL D 152 -4.49 16.27 -6.33
C VAL D 152 -4.80 15.60 -7.67
N LYS D 153 -5.95 15.94 -8.24
CA LYS D 153 -6.32 15.47 -9.58
C LYS D 153 -6.27 16.64 -10.54
N MSE D 154 -5.23 16.69 -11.36
CA MSE D 154 -4.94 17.87 -12.18
C MSE D 154 -4.88 17.54 -13.67
O MSE D 154 -4.87 16.36 -14.05
CB MSE D 154 -3.59 18.45 -11.75
CG MSE D 154 -2.41 17.54 -12.04
SE MSE D 154 -0.74 18.15 -11.26
CE MSE D 154 -0.67 19.91 -12.08
N ARG D 155 -4.83 18.58 -14.49
CA ARG D 155 -4.64 18.43 -15.93
C ARG D 155 -3.22 18.88 -16.27
N LEU D 156 -2.82 18.65 -17.53
CA LEU D 156 -1.45 18.95 -17.94
C LEU D 156 -1.16 20.44 -18.03
N GLY D 157 -2.19 21.25 -18.27
CA GLY D 157 -2.02 22.68 -18.35
C GLY D 157 -3.26 23.44 -18.80
N LEU D 158 -3.08 24.69 -19.19
CA LEU D 158 -4.19 25.55 -19.60
C LEU D 158 -3.96 26.17 -20.97
N GLU D 159 -5.02 26.20 -21.77
CA GLU D 159 -5.00 26.84 -23.08
C GLU D 159 -3.91 26.28 -23.99
N GLY D 160 -3.75 24.97 -23.97
CA GLY D 160 -2.77 24.29 -24.80
C GLY D 160 -1.40 24.94 -24.81
N LYS D 161 -1.04 25.59 -23.69
CA LYS D 161 0.25 26.26 -23.57
C LYS D 161 1.14 25.52 -22.59
N GLU D 162 0.80 24.28 -22.28
CA GLU D 162 1.53 23.50 -21.29
C GLU D 162 2.89 23.06 -21.82
N THR D 163 3.91 23.17 -20.97
CA THR D 163 5.24 22.67 -21.29
C THR D 163 5.58 21.61 -20.24
N TYR D 164 6.46 20.67 -20.60
CA TYR D 164 6.81 19.60 -19.68
C TYR D 164 7.62 20.12 -18.50
N ARG D 165 8.45 21.13 -18.75
CA ARG D 165 9.23 21.74 -17.67
C ARG D 165 8.33 22.59 -16.78
N GLY D 166 7.16 22.94 -17.29
CA GLY D 166 6.18 23.70 -16.52
C GLY D 166 5.33 22.79 -15.66
N LEU D 167 5.09 21.58 -16.14
CA LEU D 167 4.30 20.60 -15.40
C LEU D 167 5.16 19.96 -14.32
N ALA D 168 6.43 19.76 -14.62
CA ALA D 168 7.37 19.14 -13.69
C ALA D 168 7.79 20.14 -12.62
N GLN D 169 7.74 21.43 -12.96
CA GLN D 169 8.08 22.48 -12.02
C GLN D 169 6.95 22.68 -11.02
N SER D 170 5.72 22.64 -11.51
CA SER D 170 4.55 22.83 -10.67
C SER D 170 4.28 21.60 -9.81
N VAL D 171 4.73 20.44 -10.28
CA VAL D 171 4.61 19.21 -9.52
C VAL D 171 5.66 19.17 -8.43
N GLU D 172 6.82 19.79 -8.69
CA GLU D 172 7.87 19.89 -7.69
C GLU D 172 7.41 20.74 -6.52
N ALA D 173 6.70 21.83 -6.82
CA ALA D 173 6.21 22.74 -5.79
C ALA D 173 5.10 22.11 -4.97
N MSE D 174 4.17 21.44 -5.65
CA MSE D 174 3.06 20.77 -4.98
C MSE D 174 3.58 19.69 -4.03
O MSE D 174 3.04 19.50 -2.94
CB MSE D 174 2.12 20.14 -6.01
CG MSE D 174 1.24 21.13 -6.74
SE MSE D 174 0.10 20.24 -8.05
CE MSE D 174 -0.94 21.77 -8.66
N ALA D 175 4.63 19.00 -4.45
CA ALA D 175 5.21 17.92 -3.65
C ALA D 175 5.92 18.49 -2.44
N GLU D 176 6.47 19.69 -2.59
CA GLU D 176 7.11 20.39 -1.48
C GLU D 176 6.05 20.86 -0.48
N ALA D 177 4.82 21.00 -0.97
CA ALA D 177 3.71 21.40 -0.13
C ALA D 177 3.15 20.21 0.65
N GLY D 178 3.52 19.00 0.24
CA GLY D 178 3.13 17.81 0.96
C GLY D 178 2.58 16.70 0.07
N VAL D 179 1.96 17.07 -1.04
CA VAL D 179 1.31 16.10 -1.92
C VAL D 179 2.26 14.97 -2.31
N LYS D 180 1.75 13.73 -2.24
CA LYS D 180 2.52 12.56 -2.63
C LYS D 180 1.91 11.91 -3.87
N VAL D 181 0.58 11.86 -3.92
CA VAL D 181 -0.13 11.23 -5.03
C VAL D 181 -0.63 12.28 -6.02
N PHE D 182 -0.33 12.06 -7.29
CA PHE D 182 -0.70 13.01 -8.34
C PHE D 182 -1.51 12.32 -9.44
N VAL D 183 -2.84 12.36 -9.31
CA VAL D 183 -3.72 11.82 -10.34
C VAL D 183 -3.84 12.81 -11.50
N VAL D 184 -3.20 12.49 -12.61
CA VAL D 184 -3.14 13.43 -13.74
C VAL D 184 -4.03 13.01 -14.91
N HIS D 185 -5.14 13.74 -15.07
CA HIS D 185 -5.91 13.67 -16.30
C HIS D 185 -5.04 14.23 -17.41
N ALA D 186 -4.44 13.33 -18.19
CA ALA D 186 -3.41 13.69 -19.16
C ALA D 186 -3.95 14.39 -20.39
N ARG D 187 -4.31 15.66 -20.23
CA ARG D 187 -4.73 16.50 -21.35
C ARG D 187 -5.02 17.92 -20.85
N SER D 188 -4.79 18.90 -21.71
CA SER D 188 -4.95 20.30 -21.32
C SER D 188 -6.42 20.67 -21.21
N ALA D 189 -6.68 21.80 -20.55
CA ALA D 189 -8.04 22.30 -20.38
C ALA D 189 -8.24 23.57 -21.19
N LEU D 190 -9.02 23.48 -22.26
CA LEU D 190 -9.31 24.63 -23.10
C LEU D 190 -10.59 25.30 -22.62
N LEU D 191 -10.42 26.42 -21.92
CA LEU D 191 -11.53 27.09 -21.25
C LEU D 191 -12.63 27.58 -22.19
N ALA D 192 -12.33 27.64 -23.48
CA ALA D 192 -13.31 28.11 -24.46
C ALA D 192 -14.34 27.02 -24.76
N LEU D 193 -13.92 25.77 -24.67
CA LEU D 193 -14.77 24.64 -24.99
C LEU D 193 -15.64 24.24 -23.80
N SER D 194 -16.71 23.51 -24.07
CA SER D 194 -17.58 23.00 -23.01
C SER D 194 -16.85 21.91 -22.23
N THR D 195 -17.48 21.43 -21.15
CA THR D 195 -16.87 20.40 -20.32
C THR D 195 -16.83 19.07 -21.06
N LYS D 196 -17.87 18.80 -21.85
CA LYS D 196 -17.94 17.56 -22.63
C LYS D 196 -16.91 17.57 -23.76
N ALA D 197 -16.63 18.76 -24.28
CA ALA D 197 -15.66 18.91 -25.37
C ALA D 197 -14.23 18.81 -24.85
N ASN D 198 -14.04 19.18 -23.58
CA ASN D 198 -12.70 19.16 -22.98
C ASN D 198 -12.23 17.75 -22.62
N ARG D 199 -13.12 16.77 -22.75
CA ARG D 199 -12.78 15.39 -22.44
C ARG D 199 -12.67 14.54 -23.71
N GLU D 200 -12.76 15.19 -24.87
CA GLU D 200 -12.78 14.47 -26.13
C GLU D 200 -11.94 15.13 -27.23
N ILE D 201 -11.60 16.39 -27.05
CA ILE D 201 -10.87 17.14 -28.07
C ILE D 201 -9.36 17.24 -27.79
N PRO D 202 -9.00 17.81 -26.62
CA PRO D 202 -7.58 17.97 -26.31
C PRO D 202 -6.81 16.66 -26.45
N PRO D 203 -5.57 16.71 -26.95
CA PRO D 203 -4.76 15.50 -27.16
C PRO D 203 -4.28 14.89 -25.84
N LEU D 204 -4.38 13.57 -25.74
CA LEU D 204 -3.95 12.86 -24.53
C LEU D 204 -2.45 12.58 -24.57
N ARG D 205 -1.72 13.09 -23.59
CA ARG D 205 -0.29 12.88 -23.50
C ARG D 205 0.04 12.03 -22.29
N HIS D 206 -0.26 10.74 -22.36
CA HIS D 206 0.07 9.81 -21.29
C HIS D 206 1.58 9.68 -21.14
N ASP D 207 2.30 9.91 -22.23
CA ASP D 207 3.75 9.82 -22.22
C ASP D 207 4.36 10.89 -21.30
N TRP D 208 3.64 11.99 -21.10
CA TRP D 208 4.08 13.05 -20.22
C TRP D 208 4.03 12.60 -18.76
N VAL D 209 2.99 11.85 -18.41
CA VAL D 209 2.82 11.35 -17.05
C VAL D 209 3.80 10.20 -16.79
N HIS D 210 4.10 9.43 -17.84
CA HIS D 210 5.08 8.36 -17.75
C HIS D 210 6.44 8.96 -17.39
N ARG D 211 6.75 10.08 -18.03
CA ARG D 211 8.02 10.76 -17.80
C ARG D 211 8.07 11.42 -16.42
N LEU D 212 6.90 11.74 -15.88
CA LEU D 212 6.82 12.32 -14.54
C LEU D 212 7.22 11.28 -13.51
N LYS D 213 6.95 10.01 -13.81
CA LYS D 213 7.34 8.92 -12.92
C LYS D 213 8.83 8.67 -13.03
N GLY D 214 9.37 8.85 -14.24
CA GLY D 214 10.79 8.65 -14.48
C GLY D 214 11.64 9.72 -13.81
N ASP D 215 11.10 10.93 -13.72
CA ASP D 215 11.81 12.05 -13.11
C ASP D 215 11.56 12.11 -11.60
N PHE D 216 10.42 11.55 -11.18
CA PHE D 216 10.05 11.54 -9.77
C PHE D 216 9.66 10.13 -9.35
N PRO D 217 10.65 9.23 -9.21
CA PRO D 217 10.41 7.85 -8.81
C PRO D 217 9.90 7.73 -7.38
N GLN D 218 10.13 8.77 -6.57
CA GLN D 218 9.71 8.73 -5.17
C GLN D 218 8.25 9.11 -5.03
N LEU D 219 7.71 9.81 -6.01
CA LEU D 219 6.31 10.22 -5.99
C LEU D 219 5.42 9.17 -6.62
N THR D 220 4.12 9.31 -6.39
CA THR D 220 3.12 8.41 -6.96
C THR D 220 2.33 9.15 -8.04
N PHE D 221 2.05 8.48 -9.15
CA PHE D 221 1.32 9.10 -10.25
C PHE D 221 0.24 8.17 -10.79
N VAL D 222 -0.99 8.67 -10.88
CA VAL D 222 -2.10 7.92 -11.43
C VAL D 222 -2.60 8.56 -12.72
N THR D 223 -2.17 8.02 -13.86
CA THR D 223 -2.55 8.57 -15.15
C THR D 223 -4.03 8.28 -15.43
N ASN D 224 -4.67 9.15 -16.20
CA ASN D 224 -6.10 9.05 -16.46
C ASN D 224 -6.51 9.68 -17.78
N GLY D 225 -7.49 9.07 -18.45
CA GLY D 225 -8.05 9.64 -19.67
C GLY D 225 -7.98 8.71 -20.87
N GLY D 226 -9.15 8.49 -21.49
CA GLY D 226 -9.23 7.74 -22.73
C GLY D 226 -9.04 6.24 -22.59
N ILE D 227 -8.72 5.79 -21.38
CA ILE D 227 -8.50 4.36 -21.15
C ILE D 227 -9.85 3.64 -21.14
N ARG D 228 -9.98 2.65 -22.02
CA ARG D 228 -11.27 2.03 -22.28
C ARG D 228 -11.46 0.68 -21.58
N SER D 229 -10.36 0.01 -21.25
CA SER D 229 -10.45 -1.34 -20.71
C SER D 229 -9.40 -1.63 -19.62
N LEU D 230 -9.49 -2.83 -19.06
CA LEU D 230 -8.53 -3.28 -18.05
C LEU D 230 -7.22 -3.67 -18.72
N GLU D 231 -7.30 -4.05 -19.98
CA GLU D 231 -6.12 -4.44 -20.74
C GLU D 231 -5.23 -3.21 -20.99
N GLU D 232 -5.87 -2.10 -21.32
CA GLU D 232 -5.15 -0.85 -21.57
C GLU D 232 -4.62 -0.26 -20.27
N ALA D 233 -5.36 -0.44 -19.19
CA ALA D 233 -4.95 0.07 -17.89
C ALA D 233 -3.71 -0.67 -17.41
N LEU D 234 -3.63 -1.95 -17.72
CA LEU D 234 -2.48 -2.77 -17.34
C LEU D 234 -1.22 -2.31 -18.07
N PHE D 235 -1.40 -1.83 -19.29
CA PHE D 235 -0.30 -1.28 -20.06
C PHE D 235 0.31 -0.09 -19.34
N HIS D 236 -0.54 0.83 -18.91
CA HIS D 236 -0.09 2.02 -18.22
C HIS D 236 0.43 1.70 -16.81
N LEU D 237 0.09 0.51 -16.31
CA LEU D 237 0.50 0.12 -14.97
C LEU D 237 1.95 -0.38 -14.95
N LYS D 238 2.50 -0.68 -16.12
CA LYS D 238 3.91 -1.05 -16.21
C LYS D 238 4.80 0.16 -16.03
N ARG D 239 4.22 1.34 -16.22
CA ARG D 239 5.01 2.58 -16.32
C ARG D 239 4.73 3.56 -15.18
N VAL D 240 3.48 3.67 -14.76
CA VAL D 240 3.12 4.54 -13.65
C VAL D 240 2.45 3.75 -12.53
N ASP D 241 2.24 4.40 -11.39
CA ASP D 241 1.73 3.74 -10.20
C ASP D 241 0.31 3.22 -10.37
N GLY D 242 -0.58 4.07 -10.87
CA GLY D 242 -1.98 3.70 -10.96
C GLY D 242 -2.69 4.20 -12.21
N VAL D 243 -3.89 3.68 -12.42
CA VAL D 243 -4.72 4.09 -13.55
C VAL D 243 -6.14 4.35 -13.07
N MSE D 244 -6.79 5.36 -13.66
CA MSE D 244 -8.13 5.73 -13.27
C MSE D 244 -9.08 5.62 -14.46
O MSE D 244 -8.83 6.16 -15.53
CB MSE D 244 -8.16 7.15 -12.71
CG MSE D 244 -9.55 7.68 -12.38
SE MSE D 244 -9.51 9.50 -11.68
CE MSE D 244 -8.92 9.12 -9.86
N LEU D 245 -10.18 4.88 -14.27
CA LEU D 245 -11.18 4.68 -15.32
C LEU D 245 -12.48 5.36 -14.95
N GLY D 246 -12.99 6.21 -15.84
CA GLY D 246 -14.19 6.98 -15.57
C GLY D 246 -15.37 6.57 -16.43
N ARG D 247 -15.45 7.12 -17.63
CA ARG D 247 -16.58 6.88 -18.53
C ARG D 247 -16.63 5.42 -19.00
N ALA D 248 -15.46 4.78 -19.06
CA ALA D 248 -15.39 3.39 -19.45
C ALA D 248 -16.10 2.51 -18.43
N VAL D 249 -16.02 2.92 -17.16
CA VAL D 249 -16.63 2.17 -16.07
C VAL D 249 -18.14 2.35 -16.03
N TYR D 250 -18.60 3.58 -16.20
CA TYR D 250 -20.02 3.88 -16.11
C TYR D 250 -20.78 3.24 -17.27
N GLU D 251 -20.31 3.46 -18.49
CA GLU D 251 -20.93 2.87 -19.67
C GLU D 251 -21.09 1.36 -19.52
N ASP D 252 -20.18 0.75 -18.77
CA ASP D 252 -20.24 -0.68 -18.50
C ASP D 252 -19.42 -1.02 -17.26
N PRO D 253 -20.09 -1.12 -16.11
CA PRO D 253 -19.44 -1.41 -14.82
C PRO D 253 -18.57 -2.66 -14.86
N PHE D 254 -18.93 -3.63 -15.70
CA PHE D 254 -18.19 -4.89 -15.77
C PHE D 254 -16.96 -4.78 -16.65
N VAL D 255 -16.49 -3.56 -16.89
CA VAL D 255 -15.19 -3.34 -17.51
C VAL D 255 -14.13 -3.60 -16.45
N LEU D 256 -14.56 -3.62 -15.20
CA LEU D 256 -13.69 -3.95 -14.08
C LEU D 256 -13.91 -5.40 -13.65
N GLU D 257 -14.39 -6.23 -14.57
CA GLU D 257 -14.72 -7.62 -14.24
C GLU D 257 -13.51 -8.36 -13.69
N GLU D 258 -12.39 -8.27 -14.39
CA GLU D 258 -11.17 -8.96 -13.96
C GLU D 258 -10.20 -8.00 -13.27
N ALA D 259 -10.74 -6.93 -12.69
CA ALA D 259 -9.92 -5.94 -12.00
C ALA D 259 -9.37 -6.52 -10.69
N ASP D 260 -10.21 -7.26 -9.97
CA ASP D 260 -9.81 -7.85 -8.71
C ASP D 260 -8.74 -8.92 -8.89
N ARG D 261 -8.96 -9.81 -9.84
CA ARG D 261 -8.12 -10.99 -10.00
C ARG D 261 -6.77 -10.69 -10.63
N ARG D 262 -6.74 -9.80 -11.62
CA ARG D 262 -5.53 -9.55 -12.39
C ARG D 262 -4.72 -8.36 -11.87
N VAL D 263 -5.39 -7.41 -11.21
CA VAL D 263 -4.70 -6.24 -10.69
C VAL D 263 -4.44 -6.37 -9.20
N PHE D 264 -5.48 -6.67 -8.42
CA PHE D 264 -5.37 -6.74 -6.97
C PHE D 264 -5.03 -8.15 -6.49
N GLY D 265 -5.03 -9.10 -7.41
CA GLY D 265 -4.60 -10.47 -7.12
C GLY D 265 -5.53 -11.24 -6.21
N LEU D 266 -6.67 -10.65 -5.87
CA LEU D 266 -7.66 -11.33 -5.04
C LEU D 266 -8.31 -12.44 -5.84
N PRO D 267 -8.64 -13.57 -5.18
CA PRO D 267 -9.23 -14.71 -5.88
C PRO D 267 -10.74 -14.53 -5.99
N ARG D 268 -11.19 -13.74 -6.95
CA ARG D 268 -12.58 -13.32 -7.00
C ARG D 268 -12.97 -12.81 -8.38
N ARG D 269 -14.06 -13.34 -8.91
CA ARG D 269 -14.60 -12.89 -10.19
C ARG D 269 -16.12 -12.75 -10.09
N PRO D 270 -16.64 -11.53 -10.32
CA PRO D 270 -18.08 -11.28 -10.20
C PRO D 270 -18.87 -11.70 -11.42
N SER D 271 -20.14 -12.05 -11.22
CA SER D 271 -21.05 -12.34 -12.31
C SER D 271 -22.06 -11.21 -12.41
N ARG D 272 -22.42 -10.84 -13.64
CA ARG D 272 -23.37 -9.75 -13.85
C ARG D 272 -24.69 -10.02 -13.16
N LEU D 273 -25.04 -11.30 -13.04
CA LEU D 273 -26.30 -11.68 -12.41
C LEU D 273 -26.17 -11.67 -10.90
N GLU D 274 -24.98 -12.01 -10.40
CA GLU D 274 -24.74 -11.99 -8.97
C GLU D 274 -24.67 -10.57 -8.42
N VAL D 275 -24.15 -9.65 -9.23
CA VAL D 275 -24.06 -8.25 -8.86
C VAL D 275 -25.43 -7.60 -8.92
N ALA D 276 -26.26 -8.08 -9.85
CA ALA D 276 -27.62 -7.57 -9.99
C ALA D 276 -28.49 -8.05 -8.83
N ARG D 277 -28.26 -9.28 -8.39
CA ARG D 277 -29.00 -9.84 -7.26
C ARG D 277 -28.74 -9.05 -6.00
N ARG D 278 -27.47 -8.80 -5.72
CA ARG D 278 -27.08 -8.07 -4.52
C ARG D 278 -27.59 -6.64 -4.58
N MSE D 279 -27.53 -6.04 -5.76
CA MSE D 279 -28.00 -4.67 -5.95
C MSE D 279 -29.49 -4.55 -5.66
O MSE D 279 -30.00 -3.48 -5.35
CB MSE D 279 -27.70 -4.18 -7.37
CG MSE D 279 -26.24 -3.80 -7.60
SE MSE D 279 -25.62 -2.42 -6.38
CE MSE D 279 -26.94 -1.04 -6.76
N ARG D 280 -30.21 -5.68 -5.80
CA ARG D 280 -31.63 -5.70 -5.50
C ARG D 280 -31.85 -5.54 -4.00
N ALA D 281 -31.09 -6.29 -3.20
CA ALA D 281 -31.20 -6.23 -1.75
C ALA D 281 -30.78 -4.85 -1.25
N TYR D 282 -29.78 -4.26 -1.90
CA TYR D 282 -29.31 -2.93 -1.56
C TYR D 282 -30.40 -1.90 -1.85
N LEU D 283 -31.13 -2.13 -2.94
CA LEU D 283 -32.21 -1.23 -3.34
C LEU D 283 -33.38 -1.30 -2.37
N GLU D 284 -33.58 -2.49 -1.78
CA GLU D 284 -34.69 -2.68 -0.85
C GLU D 284 -34.42 -1.95 0.45
N GLU D 285 -33.18 -2.04 0.94
CA GLU D 285 -32.79 -1.33 2.14
C GLU D 285 -32.95 0.17 1.96
N GLU D 286 -32.47 0.69 0.84
CA GLU D 286 -32.47 2.12 0.58
C GLU D 286 -33.88 2.67 0.40
N VAL D 287 -34.64 2.10 -0.53
CA VAL D 287 -36.02 2.51 -0.75
C VAL D 287 -36.81 2.47 0.56
N LEU D 288 -36.49 1.49 1.39
CA LEU D 288 -37.24 1.24 2.61
C LEU D 288 -36.83 2.19 3.74
N LYS D 289 -35.76 2.95 3.53
CA LYS D 289 -35.36 3.98 4.49
C LYS D 289 -35.42 5.38 3.87
N GLY D 290 -36.26 5.55 2.84
CA GLY D 290 -36.54 6.87 2.30
C GLY D 290 -36.00 7.14 0.91
N THR D 291 -34.94 6.43 0.52
CA THR D 291 -34.29 6.66 -0.76
C THR D 291 -35.21 6.38 -1.94
N PRO D 292 -35.39 7.35 -2.84
CA PRO D 292 -36.16 7.11 -4.06
C PRO D 292 -35.57 5.96 -4.87
N PRO D 293 -36.42 5.08 -5.42
CA PRO D 293 -35.93 3.88 -6.11
C PRO D 293 -35.09 4.21 -7.34
N TRP D 294 -35.40 5.31 -8.01
CA TRP D 294 -34.71 5.66 -9.25
C TRP D 294 -33.30 6.19 -8.98
N ALA D 295 -33.06 6.63 -7.75
CA ALA D 295 -31.74 7.12 -7.37
C ALA D 295 -30.72 5.98 -7.40
N VAL D 296 -31.22 4.75 -7.31
CA VAL D 296 -30.36 3.56 -7.32
C VAL D 296 -30.45 2.83 -8.65
N LEU D 297 -31.62 2.89 -9.28
CA LEU D 297 -31.89 2.12 -10.48
C LEU D 297 -31.30 2.75 -11.74
N ARG D 298 -31.10 4.07 -11.72
CA ARG D 298 -30.59 4.76 -12.90
C ARG D 298 -29.09 4.55 -13.09
N HIS D 299 -28.48 3.86 -12.13
CA HIS D 299 -27.06 3.53 -12.21
C HIS D 299 -26.86 2.05 -12.50
N MSE D 300 -27.96 1.29 -12.50
CA MSE D 300 -27.90 -0.14 -12.77
C MSE D 300 -28.28 -0.45 -14.21
O MSE D 300 -28.26 -1.60 -14.64
CB MSE D 300 -28.84 -0.89 -11.83
CG MSE D 300 -28.48 -0.80 -10.35
SE MSE D 300 -29.72 -1.80 -9.23
CE MSE D 300 -29.46 -3.57 -10.02
N LEU D 301 -28.62 0.59 -14.97
CA LEU D 301 -29.09 0.40 -16.35
C LEU D 301 -28.00 -0.21 -17.23
N ASN D 302 -26.74 0.08 -16.90
CA ASN D 302 -25.63 -0.38 -17.72
C ASN D 302 -24.99 -1.67 -17.20
N LEU D 303 -25.69 -2.34 -16.30
CA LEU D 303 -25.19 -3.57 -15.71
C LEU D 303 -25.13 -4.70 -16.74
N PHE D 304 -25.92 -4.56 -17.81
CA PHE D 304 -25.93 -5.54 -18.89
C PHE D 304 -25.69 -4.88 -20.24
N ARG D 305 -24.76 -3.95 -20.29
CA ARG D 305 -24.41 -3.25 -21.52
C ARG D 305 -23.73 -4.20 -22.49
N GLY D 306 -24.31 -4.39 -23.66
CA GLY D 306 -23.75 -5.26 -24.67
C GLY D 306 -23.90 -6.74 -24.34
N ARG D 307 -24.97 -7.07 -23.62
CA ARG D 307 -25.25 -8.45 -23.27
C ARG D 307 -26.60 -8.88 -23.83
N PRO D 308 -26.82 -10.19 -23.93
CA PRO D 308 -28.11 -10.73 -24.40
C PRO D 308 -29.29 -10.21 -23.58
N LYS D 309 -30.31 -9.73 -24.27
CA LYS D 309 -31.51 -9.21 -23.62
C LYS D 309 -31.19 -8.03 -22.72
N GLY D 310 -30.09 -7.34 -23.03
CA GLY D 310 -29.68 -6.17 -22.27
C GLY D 310 -30.64 -5.02 -22.48
N ARG D 311 -31.04 -4.81 -23.74
CA ARG D 311 -32.04 -3.81 -24.08
C ARG D 311 -33.25 -3.89 -23.17
N LEU D 312 -33.84 -5.07 -23.06
CA LEU D 312 -35.07 -5.26 -22.29
C LEU D 312 -34.82 -5.04 -20.79
N TRP D 313 -33.60 -5.31 -20.34
CA TRP D 313 -33.25 -5.07 -18.95
C TRP D 313 -33.24 -3.58 -18.65
N ARG D 314 -32.64 -2.83 -19.56
CA ARG D 314 -32.49 -1.37 -19.41
C ARG D 314 -33.84 -0.67 -19.62
N ARG D 315 -34.70 -1.28 -20.43
CA ARG D 315 -36.01 -0.72 -20.73
C ARG D 315 -36.94 -0.89 -19.53
N LEU D 316 -36.88 -2.07 -18.93
CA LEU D 316 -37.74 -2.41 -17.80
C LEU D 316 -37.55 -1.47 -16.63
N LEU D 317 -36.29 -1.17 -16.30
CA LEU D 317 -35.98 -0.37 -15.13
C LEU D 317 -36.30 1.10 -15.34
N SER D 318 -36.15 1.58 -16.58
CA SER D 318 -36.40 2.98 -16.91
C SER D 318 -37.88 3.22 -17.19
N GLU D 319 -38.65 2.14 -17.28
CA GLU D 319 -40.08 2.25 -17.57
C GLU D 319 -40.91 2.14 -16.30
N GLY D 320 -40.55 1.19 -15.44
CA GLY D 320 -41.27 0.98 -14.20
C GLY D 320 -40.71 1.81 -13.06
N ARG D 321 -39.39 1.83 -12.96
CA ARG D 321 -38.71 2.60 -11.92
C ARG D 321 -39.22 2.24 -10.53
N SER D 322 -38.95 1.00 -10.11
CA SER D 322 -39.39 0.51 -8.81
C SER D 322 -38.72 -0.82 -8.49
N LEU D 323 -38.76 -1.20 -7.21
CA LEU D 323 -38.24 -2.50 -6.80
C LEU D 323 -39.01 -3.61 -7.49
N GLN D 324 -40.33 -3.41 -7.60
CA GLN D 324 -41.19 -4.37 -8.28
C GLN D 324 -40.71 -4.62 -9.70
N ALA D 325 -40.26 -3.55 -10.36
CA ALA D 325 -39.80 -3.63 -11.74
C ALA D 325 -38.45 -4.35 -11.82
N LEU D 326 -37.58 -4.08 -10.86
CA LEU D 326 -36.25 -4.70 -10.82
C LEU D 326 -36.39 -6.21 -10.63
N ASP D 327 -37.45 -6.61 -9.92
CA ASP D 327 -37.71 -8.02 -9.69
C ASP D 327 -38.06 -8.71 -11.00
N ARG D 328 -38.94 -8.09 -11.77
CA ARG D 328 -39.33 -8.63 -13.08
C ARG D 328 -38.12 -8.78 -13.99
N ALA D 329 -37.23 -7.79 -13.95
CA ALA D 329 -36.05 -7.79 -14.81
C ALA D 329 -35.08 -8.89 -14.39
N LEU D 330 -35.11 -9.27 -13.12
CA LEU D 330 -34.23 -10.29 -12.59
C LEU D 330 -34.68 -11.69 -12.98
N ARG D 331 -36.00 -11.89 -13.05
CA ARG D 331 -36.54 -13.20 -13.43
C ARG D 331 -36.48 -13.44 -14.93
N LEU D 332 -36.41 -12.35 -15.69
CA LEU D 332 -36.21 -12.46 -17.15
C LEU D 332 -34.76 -12.84 -17.43
N MSE D 333 -33.83 -12.18 -16.76
CA MSE D 333 -32.40 -12.42 -16.97
C MSE D 333 -32.02 -13.85 -16.60
O MSE D 333 -31.24 -14.50 -17.31
CB MSE D 333 -31.56 -11.43 -16.17
CG MSE D 333 -31.25 -10.16 -16.93
SE MSE D 333 -30.30 -10.53 -18.60
CE MSE D 333 -30.52 -8.81 -19.47
N GLU D 334 -32.55 -14.35 -15.49
CA GLU D 334 -32.24 -15.71 -15.04
C GLU D 334 -32.73 -16.73 -16.07
N GLU D 335 -33.87 -16.42 -16.70
CA GLU D 335 -34.42 -17.29 -17.74
C GLU D 335 -33.53 -17.28 -18.98
N GLU D 336 -32.93 -16.13 -19.26
CA GLU D 336 -32.06 -15.97 -20.42
C GLU D 336 -30.60 -15.99 -20.01
N1 FMN E . 19.56 -11.61 7.23
C2 FMN E . 18.73 -12.49 6.58
O2 FMN E . 18.32 -12.22 5.45
N3 FMN E . 18.36 -13.67 7.18
C4 FMN E . 18.83 -13.98 8.44
O4 FMN E . 18.51 -15.04 8.97
C4A FMN E . 19.67 -13.10 9.10
N5 FMN E . 20.13 -13.40 10.36
C5A FMN E . 20.80 -12.44 11.09
C6 FMN E . 21.11 -12.67 12.42
C7 FMN E . 21.78 -11.71 13.15
C7M FMN E . 22.10 -11.98 14.60
C8 FMN E . 22.15 -10.51 12.55
C8M FMN E . 22.88 -9.46 13.33
C9 FMN E . 21.85 -10.28 11.22
C9A FMN E . 21.17 -11.24 10.49
N10 FMN E . 20.86 -11.02 9.16
C10 FMN E . 20.03 -11.90 8.49
C1' FMN E . 21.26 -9.73 8.50
C2' FMN E . 20.22 -8.66 8.78
O2' FMN E . 19.00 -9.01 8.14
C3' FMN E . 20.68 -7.30 8.28
O3' FMN E . 20.84 -7.34 6.88
C4' FMN E . 22.00 -6.93 8.93
O4' FMN E . 21.88 -7.09 10.33
C5' FMN E . 22.39 -5.49 8.64
O5' FMN E . 21.27 -4.66 8.88
P FMN E . 21.20 -3.80 10.24
O1P FMN E . 22.47 -3.01 10.38
O2P FMN E . 21.06 -4.75 11.41
O3P FMN E . 20.03 -2.86 10.18
N1 FMN F . -13.25 15.10 -12.91
C2 FMN F . -13.08 15.59 -11.63
O2 FMN F . -11.95 15.69 -11.15
N3 FMN F . -14.18 15.95 -10.87
C4 FMN F . -15.45 15.82 -11.40
O4 FMN F . -16.43 16.15 -10.73
C4A FMN F . -15.62 15.34 -12.70
N5 FMN F . -16.88 15.22 -13.23
C5A FMN F . -17.05 14.50 -14.40
C6 FMN F . -18.33 14.15 -14.81
C7 FMN F . -18.50 13.42 -15.99
C7M FMN F . -19.89 13.05 -16.42
C8 FMN F . -17.39 13.05 -16.75
C8M FMN F . -17.56 12.28 -18.02
C9 FMN F . -16.12 13.42 -16.33
C9A FMN F . -15.95 14.14 -15.15
N10 FMN F . -14.68 14.49 -14.73
C10 FMN F . -14.51 14.98 -13.45
C1' FMN F . -13.47 14.10 -15.54
C2' FMN F . -13.12 12.65 -15.27
O2' FMN F . -12.78 12.49 -13.91
C3' FMN F . -11.96 12.19 -16.14
O3' FMN F . -10.81 12.98 -15.88
C4' FMN F . -12.33 12.32 -17.61
O4' FMN F . -13.62 11.79 -17.81
C5' FMN F . -11.35 11.57 -18.50
O5' FMN F . -11.14 10.29 -17.94
P FMN F . -11.92 9.02 -18.55
O1P FMN F . -11.72 9.01 -20.05
O2P FMN F . -13.39 9.16 -18.24
O3P FMN F . -11.38 7.75 -17.95
#